data_5CB2
#
_entry.id   5CB2
#
_cell.length_a   76.566
_cell.length_b   120.926
_cell.length_c   190.455
_cell.angle_alpha   90.00
_cell.angle_beta   90.00
_cell.angle_gamma   90.00
#
_symmetry.space_group_name_H-M   'I 21 21 21'
#
loop_
_entity.id
_entity.type
_entity.pdbx_description
1 polymer 'Protein SEY1'
2 non-polymer 'MAGNESIUM ION'
3 non-polymer 'PHOSPHOAMINOPHOSPHONIC ACID-GUANYLATE ESTER'
4 water water
#
_entity_poly.entity_id   1
_entity_poly.type   'polypeptide(L)'
_entity_poly.pdbx_seq_one_letter_code
;MELSEGELSHTSSSSSFVPVDQRQLQDAIQIIDENKHFNTGILDYINKTSPADVGNNYHIISVFGSQSTGKSTLLNRLFN
TNFDVMDELNRQQTTKGIWLAYSPVVSTTLGHTTSKSNILVMDVEGTDGRERGEDQDFERKAALFALSTSEVLIINIWET
QVGLYQGANMGLLKTVFEVNLSLFGKSKLETHNDHKVLLLIVIRDHVGVTPVESLAKTFTLDLQNMWSSLAKPAELEHLQ
FADFFDVTFHALNHKVLQPKEFGEGINRLGDRLVVSNELFKPEYHHDVPIDGWTMYAERCWEQIETNKDLDLPTQQILVA
QFKCDEIVESVFQEFLTKYQHHFKEVDAAPDFEELGALFADLRQDAFEDYDASASRYNKAVYEQKRKKLRWLINDKLKEV
FDVHAKNLCNTLLEKFEKDLVALKGKDFAVNVKTLSTKLVEDVNFQVSLMSLQGDLSLDEIILALTKDIDAIVAKQQVVE
LNSIVNKSVKKLSASLSKSIQFELGDPNEETWDNVLQQFKGVYEKFGGDFGLGTSSTQNQQAIEKFKFKSWCQFYDVTHK
LISREKLLALLQDRFDDKFRYDENGLPKLYLNEQDLEKTFAVAKQHALQVLPILTFAKLADGSEIVPDYDIFDSKLREQF
LGGYDDSDDEEDHCFAEIITEQEKLEVLAKFKKEVDAKYIETKRSIVQHITQ
;
_entity_poly.pdbx_strand_id   A
#
loop_
_chem_comp.id
_chem_comp.type
_chem_comp.name
_chem_comp.formula
GNP non-polymer 'PHOSPHOAMINOPHOSPHONIC ACID-GUANYLATE ESTER' 'C10 H17 N6 O13 P3'
MG non-polymer 'MAGNESIUM ION' 'Mg 2'
#
# COMPACT_ATOMS: atom_id res chain seq x y z
N GLN A 26 61.14 -16.55 13.09
CA GLN A 26 60.48 -17.16 14.22
C GLN A 26 59.74 -16.11 15.02
N ASP A 27 59.22 -15.12 14.32
CA ASP A 27 58.33 -14.17 14.94
C ASP A 27 56.94 -14.62 14.56
N ALA A 28 55.93 -14.15 15.29
CA ALA A 28 54.58 -14.57 15.05
C ALA A 28 53.99 -13.71 13.99
N ILE A 29 52.76 -14.01 13.61
CA ILE A 29 52.08 -13.14 12.65
C ILE A 29 50.67 -12.90 13.11
N GLN A 30 50.10 -11.76 12.70
CA GLN A 30 48.69 -11.55 13.00
C GLN A 30 47.82 -12.06 11.89
N ILE A 31 47.25 -13.24 12.11
CA ILE A 31 46.20 -13.80 11.27
C ILE A 31 45.17 -12.73 10.99
N ILE A 32 44.75 -12.02 12.02
CA ILE A 32 43.78 -11.00 11.81
C ILE A 32 44.18 -9.79 12.58
N ASP A 33 44.21 -8.64 11.92
CA ASP A 33 44.64 -7.42 12.59
C ASP A 33 43.47 -6.71 13.26
N GLU A 34 43.79 -5.68 14.06
CA GLU A 34 42.79 -5.01 14.90
C GLU A 34 41.50 -4.73 14.18
N ASN A 35 41.64 -4.13 13.00
CA ASN A 35 40.51 -3.73 12.13
C ASN A 35 40.11 -4.84 11.13
N LYS A 36 40.24 -6.09 11.58
CA LYS A 36 39.53 -7.27 11.01
C LYS A 36 40.12 -7.97 9.74
N HIS A 37 41.22 -7.48 9.18
CA HIS A 37 41.78 -8.10 7.98
C HIS A 37 42.44 -9.42 8.24
N PHE A 38 41.74 -10.51 7.88
CA PHE A 38 42.34 -11.85 7.84
C PHE A 38 43.55 -11.84 6.94
N ASN A 39 44.50 -12.69 7.26
CA ASN A 39 45.81 -12.62 6.66
C ASN A 39 46.01 -13.64 5.60
N THR A 40 46.66 -13.20 4.52
CA THR A 40 47.03 -14.03 3.37
C THR A 40 48.11 -15.07 3.69
N GLY A 41 49.33 -14.59 3.94
CA GLY A 41 50.53 -15.44 4.13
C GLY A 41 50.58 -16.43 5.30
N ILE A 42 49.43 -16.67 5.93
CA ILE A 42 49.29 -17.62 7.04
C ILE A 42 49.78 -19.03 6.66
N LEU A 43 49.15 -19.64 5.65
CA LEU A 43 49.52 -20.98 5.14
C LEU A 43 51.04 -21.03 4.88
N ASP A 44 51.48 -20.15 4.00
CA ASP A 44 52.91 -19.89 3.79
C ASP A 44 53.67 -19.91 5.11
N TYR A 45 53.32 -18.99 5.98
CA TYR A 45 54.05 -18.79 7.21
C TYR A 45 54.19 -20.09 7.99
N ILE A 46 53.07 -20.78 8.19
CA ILE A 46 53.09 -21.96 9.05
C ILE A 46 54.13 -22.99 8.63
N ASN A 47 54.30 -23.13 7.32
CA ASN A 47 55.22 -24.11 6.78
C ASN A 47 56.65 -23.71 6.88
N LYS A 48 56.94 -22.41 6.81
CA LYS A 48 58.32 -21.90 6.90
C LYS A 48 58.95 -21.95 8.32
N THR A 49 58.12 -22.19 9.33
CA THR A 49 58.60 -22.35 10.69
C THR A 49 59.05 -23.77 10.92
N SER A 50 58.10 -24.70 10.90
CA SER A 50 58.41 -26.09 11.16
C SER A 50 59.10 -26.71 9.96
N PRO A 51 60.34 -27.17 10.14
CA PRO A 51 61.13 -27.82 9.07
C PRO A 51 60.50 -29.11 8.55
N ALA A 52 59.77 -29.78 9.42
CA ALA A 52 58.95 -30.93 9.02
C ALA A 52 57.77 -30.48 8.18
N ASP A 53 57.11 -31.47 7.61
CA ASP A 53 55.92 -31.23 6.84
C ASP A 53 54.73 -31.40 7.76
N VAL A 54 53.96 -30.36 7.91
CA VAL A 54 52.77 -30.42 8.70
C VAL A 54 51.63 -31.01 7.90
N GLY A 55 51.04 -32.05 8.42
CA GLY A 55 50.05 -32.74 7.63
C GLY A 55 48.64 -32.77 8.10
N ASN A 56 48.31 -33.74 8.91
CA ASN A 56 47.09 -33.74 9.63
C ASN A 56 47.78 -33.93 10.96
N ASN A 57 49.05 -33.58 10.98
CA ASN A 57 49.82 -33.68 12.19
C ASN A 57 49.95 -32.71 13.31
N TYR A 58 49.07 -31.75 13.31
CA TYR A 58 49.15 -30.62 14.22
C TYR A 58 47.91 -30.40 15.08
N HIS A 59 48.08 -29.58 16.12
CA HIS A 59 46.94 -29.00 16.82
C HIS A 59 46.81 -27.46 16.72
N ILE A 60 45.59 -27.02 16.87
CA ILE A 60 45.30 -25.61 16.95
C ILE A 60 44.78 -25.33 18.31
N ILE A 61 45.55 -24.49 19.02
CA ILE A 61 45.29 -24.04 20.42
C ILE A 61 45.18 -22.53 20.58
N SER A 62 44.16 -22.10 21.32
CA SER A 62 44.07 -20.65 21.62
C SER A 62 43.56 -20.18 23.01
N VAL A 63 43.79 -18.89 23.25
CA VAL A 63 43.56 -18.28 24.59
C VAL A 63 42.45 -17.25 24.52
N PHE A 64 41.56 -17.25 25.51
CA PHE A 64 40.58 -16.17 25.65
C PHE A 64 40.57 -15.56 27.05
N GLY A 65 40.39 -14.24 27.13
CA GLY A 65 40.09 -13.57 28.44
C GLY A 65 40.18 -12.06 28.58
N SER A 66 39.81 -11.58 29.76
CA SER A 66 39.80 -10.14 30.05
C SER A 66 41.20 -9.61 29.92
N GLN A 67 41.31 -8.36 29.50
CA GLN A 67 42.57 -7.69 29.21
C GLN A 67 43.57 -7.77 30.37
N SER A 68 44.80 -7.98 30.04
CA SER A 68 45.89 -8.17 31.03
C SER A 68 45.63 -9.17 32.16
N THR A 69 45.24 -10.39 31.79
CA THR A 69 45.24 -11.51 32.75
C THR A 69 46.51 -12.38 32.63
N GLY A 70 47.53 -11.85 31.91
CA GLY A 70 48.81 -12.54 31.71
C GLY A 70 48.70 -13.73 30.76
N LYS A 71 47.89 -13.57 29.71
CA LYS A 71 47.64 -14.56 28.66
C LYS A 71 48.85 -14.77 27.79
N SER A 72 49.27 -13.73 27.11
CA SER A 72 50.47 -13.82 26.30
C SER A 72 51.63 -14.37 27.10
N THR A 73 51.71 -13.91 28.33
CA THR A 73 52.65 -14.43 29.29
C THR A 73 52.57 -15.94 29.35
N LEU A 74 51.36 -16.49 29.47
CA LEU A 74 51.29 -17.91 29.67
C LEU A 74 51.57 -18.74 28.38
N LEU A 75 51.07 -18.25 27.24
CA LEU A 75 51.46 -18.83 25.98
C LEU A 75 52.95 -18.82 25.72
N ASN A 76 53.62 -17.72 26.06
CA ASN A 76 55.10 -17.65 26.04
C ASN A 76 55.79 -18.66 26.99
N ARG A 77 55.07 -19.24 27.91
CA ARG A 77 55.73 -19.93 28.96
C ARG A 77 55.37 -21.36 28.99
N LEU A 78 54.22 -21.69 28.43
CA LEU A 78 53.77 -23.05 28.43
C LEU A 78 54.26 -23.70 27.13
N PHE A 79 53.84 -23.16 26.01
CA PHE A 79 54.53 -23.35 24.71
C PHE A 79 55.72 -22.42 24.87
N ASN A 80 56.51 -22.15 23.84
CA ASN A 80 57.62 -21.25 24.19
C ASN A 80 57.74 -20.24 23.13
N THR A 81 56.75 -19.37 23.14
CA THR A 81 56.52 -18.43 22.09
C THR A 81 57.17 -17.10 22.48
N ASN A 82 56.81 -16.02 21.80
CA ASN A 82 57.44 -14.72 22.01
C ASN A 82 56.54 -13.52 21.72
N PHE A 83 55.25 -13.74 21.96
CA PHE A 83 54.26 -12.69 21.90
C PHE A 83 54.70 -11.53 22.76
N ASP A 84 54.07 -10.39 22.61
CA ASP A 84 54.42 -9.25 23.43
C ASP A 84 53.59 -9.25 24.70
N VAL A 85 54.21 -8.75 25.76
CA VAL A 85 53.56 -8.68 27.05
C VAL A 85 53.61 -7.26 27.48
N MET A 86 52.70 -6.88 28.36
CA MET A 86 52.67 -5.54 28.90
C MET A 86 53.82 -5.30 29.85
N ASP A 87 54.61 -4.25 29.62
CA ASP A 87 55.59 -3.80 30.64
C ASP A 87 54.87 -3.08 31.75
N GLU A 88 55.25 -3.40 32.96
CA GLU A 88 54.43 -3.19 34.14
C GLU A 88 54.36 -1.74 34.62
N LEU A 89 55.22 -0.91 34.06
CA LEU A 89 55.09 0.54 34.15
C LEU A 89 53.63 1.07 34.12
N ASN A 90 52.94 0.85 32.98
CA ASN A 90 51.50 1.23 32.77
C ASN A 90 50.60 0.03 32.45
N ARG A 91 49.52 -0.12 33.21
CA ARG A 91 48.48 -1.10 32.90
C ARG A 91 47.61 -0.69 31.67
N GLN A 92 47.90 -1.35 30.56
CA GLN A 92 47.34 -1.00 29.25
C GLN A 92 47.23 -2.26 28.38
N GLN A 93 46.52 -2.12 27.27
CA GLN A 93 46.27 -3.17 26.30
C GLN A 93 47.54 -3.43 25.51
N THR A 94 47.83 -4.71 25.23
CA THR A 94 49.08 -5.09 24.57
C THR A 94 48.86 -5.95 23.30
N THR A 95 48.23 -7.11 23.46
CA THR A 95 47.81 -7.82 22.27
C THR A 95 46.75 -7.04 21.50
N LYS A 96 46.99 -6.93 20.21
CA LYS A 96 46.07 -6.31 19.27
C LYS A 96 45.74 -7.30 18.18
N GLY A 97 44.46 -7.57 18.04
CA GLY A 97 44.00 -8.47 17.02
C GLY A 97 44.28 -9.89 17.47
N ILE A 98 44.59 -10.76 16.51
CA ILE A 98 44.88 -12.14 16.82
C ILE A 98 46.23 -12.54 16.27
N TRP A 99 46.97 -13.35 17.03
CA TRP A 99 48.27 -13.81 16.56
C TRP A 99 48.47 -15.30 16.62
N LEU A 100 49.37 -15.73 15.75
CA LEU A 100 49.66 -17.15 15.60
C LEU A 100 51.15 -17.34 15.55
N ALA A 101 51.59 -18.33 16.33
CA ALA A 101 52.96 -18.76 16.36
C ALA A 101 53.02 -20.26 16.53
N TYR A 102 54.17 -20.81 16.10
CA TYR A 102 54.52 -22.24 16.23
C TYR A 102 55.31 -22.45 17.50
N SER A 103 54.80 -23.30 18.37
CA SER A 103 55.52 -23.66 19.59
C SER A 103 56.81 -24.47 19.29
N PRO A 104 58.00 -23.94 19.63
CA PRO A 104 59.21 -24.78 19.52
C PRO A 104 59.20 -26.00 20.43
N VAL A 105 58.85 -25.79 21.69
CA VAL A 105 58.88 -26.82 22.71
C VAL A 105 57.89 -26.48 23.79
N VAL A 106 57.45 -27.50 24.50
CA VAL A 106 56.50 -27.36 25.58
C VAL A 106 57.23 -27.47 26.90
N SER A 107 57.05 -26.51 27.77
CA SER A 107 57.64 -26.55 29.07
C SER A 107 56.94 -27.62 29.88
N THR A 108 57.72 -28.53 30.45
CA THR A 108 57.21 -29.59 31.32
C THR A 108 58.11 -29.84 32.51
N THR A 109 57.69 -30.75 33.38
CA THR A 109 58.45 -30.97 34.57
C THR A 109 59.81 -31.55 34.25
N LEU A 110 59.89 -32.21 33.08
CA LEU A 110 61.17 -32.77 32.55
C LEU A 110 62.02 -31.68 31.87
N GLY A 111 61.50 -30.45 31.85
CA GLY A 111 62.20 -29.33 31.28
C GLY A 111 61.53 -28.98 29.97
N HIS A 112 62.31 -28.84 28.92
CA HIS A 112 61.74 -28.63 27.61
C HIS A 112 61.51 -29.90 26.82
N THR A 113 60.37 -29.99 26.16
CA THR A 113 60.04 -31.19 25.45
C THR A 113 59.48 -30.82 24.13
N THR A 114 59.97 -31.47 23.11
CA THR A 114 59.41 -31.44 21.79
C THR A 114 58.17 -32.27 21.74
N SER A 115 57.27 -31.98 20.81
CA SER A 115 56.14 -32.88 20.66
C SER A 115 56.08 -33.54 19.30
N LYS A 116 55.25 -34.56 19.26
CA LYS A 116 54.91 -35.29 18.05
C LYS A 116 54.28 -34.39 17.00
N SER A 117 53.09 -33.87 17.29
CA SER A 117 52.34 -33.02 16.33
C SER A 117 52.93 -31.64 16.43
N ASN A 118 52.71 -30.81 15.43
CA ASN A 118 53.05 -29.41 15.55
C ASN A 118 51.94 -28.69 16.32
N ILE A 119 52.32 -27.92 17.34
CA ILE A 119 51.33 -27.20 18.07
C ILE A 119 51.39 -25.74 17.66
N LEU A 120 50.28 -25.31 17.11
CA LEU A 120 50.12 -23.96 16.61
C LEU A 120 49.28 -23.17 17.57
N VAL A 121 49.81 -22.06 18.01
CA VAL A 121 49.16 -21.35 19.08
C VAL A 121 48.65 -19.99 18.64
N MET A 122 47.40 -19.70 18.99
CA MET A 122 46.81 -18.37 18.74
C MET A 122 46.53 -17.47 19.95
N ASP A 123 47.17 -16.32 19.90
CA ASP A 123 47.09 -15.33 21.01
C ASP A 123 46.10 -14.24 20.67
N VAL A 124 45.04 -14.13 21.45
CA VAL A 124 43.99 -13.15 21.15
C VAL A 124 44.13 -11.90 22.04
N GLU A 125 43.72 -10.74 21.52
CA GLU A 125 43.67 -9.51 22.33
C GLU A 125 42.56 -9.65 23.34
N GLY A 126 42.77 -9.06 24.53
CA GLY A 126 41.98 -9.39 25.70
C GLY A 126 40.66 -8.70 25.71
N THR A 127 39.66 -9.26 26.35
CA THR A 127 38.35 -8.66 26.36
C THR A 127 38.10 -7.71 27.46
N ASP A 128 37.88 -6.46 27.14
CA ASP A 128 37.31 -5.55 28.09
C ASP A 128 38.13 -4.33 28.22
N GLY A 129 37.86 -3.59 29.25
CA GLY A 129 38.56 -2.38 29.51
C GLY A 129 38.96 -1.42 28.43
N ARG A 130 38.79 -0.16 28.77
CA ARG A 130 39.38 0.97 28.09
C ARG A 130 39.36 1.01 26.61
N GLU A 131 40.38 1.66 26.09
CA GLU A 131 40.55 1.80 24.68
C GLU A 131 39.21 1.57 24.07
N ARG A 132 38.96 0.34 23.65
CA ARG A 132 37.64 -0.03 23.21
C ARG A 132 36.88 -0.40 24.45
N GLY A 133 36.22 0.59 25.04
CA GLY A 133 35.55 0.44 26.34
C GLY A 133 34.07 0.24 26.16
N GLU A 134 33.55 0.93 25.18
CA GLU A 134 32.15 0.88 24.85
C GLU A 134 31.86 -0.22 23.81
N ASP A 135 32.54 -0.18 22.67
CA ASP A 135 32.20 -1.08 21.57
C ASP A 135 32.89 -2.43 21.72
N GLN A 136 32.13 -3.39 22.21
CA GLN A 136 32.57 -4.80 22.29
C GLN A 136 32.40 -5.53 20.94
N ASP A 137 32.42 -4.79 19.83
CA ASP A 137 32.32 -5.40 18.51
C ASP A 137 33.41 -6.43 18.30
N PHE A 138 34.66 -5.99 18.44
CA PHE A 138 35.79 -6.82 18.03
C PHE A 138 36.12 -7.91 19.03
N GLU A 139 35.75 -7.72 20.28
CA GLU A 139 35.98 -8.75 21.28
C GLU A 139 34.94 -9.88 21.10
N ARG A 140 33.70 -9.56 20.73
CA ARG A 140 32.70 -10.62 20.44
C ARG A 140 33.18 -11.46 19.29
N LYS A 141 33.90 -10.82 18.40
CA LYS A 141 34.22 -11.43 17.15
C LYS A 141 35.44 -12.31 17.32
N ALA A 142 36.59 -11.71 17.68
CA ALA A 142 37.83 -12.53 17.89
C ALA A 142 37.57 -13.73 18.82
N ALA A 143 36.81 -13.53 19.88
CA ALA A 143 36.43 -14.65 20.74
C ALA A 143 35.80 -15.76 19.91
N LEU A 144 34.68 -15.47 19.25
CA LEU A 144 34.05 -16.49 18.39
C LEU A 144 34.98 -17.15 17.37
N PHE A 145 35.77 -16.38 16.63
CA PHE A 145 36.75 -16.99 15.72
C PHE A 145 37.46 -18.12 16.42
N ALA A 146 38.06 -17.79 17.54
CA ALA A 146 38.77 -18.75 18.37
C ALA A 146 37.87 -19.92 18.76
N LEU A 147 36.71 -19.58 19.29
CA LEU A 147 35.87 -20.65 19.74
C LEU A 147 35.66 -21.59 18.59
N SER A 148 35.71 -21.06 17.37
CA SER A 148 35.27 -21.84 16.16
C SER A 148 36.35 -22.56 15.38
N THR A 149 37.58 -22.39 15.74
CA THR A 149 38.64 -22.69 14.84
C THR A 149 39.73 -23.53 15.54
N SER A 150 39.53 -23.75 16.82
CA SER A 150 40.56 -24.25 17.70
C SER A 150 40.10 -25.59 18.27
N GLU A 151 41.03 -26.51 18.49
CA GLU A 151 40.70 -27.77 19.14
C GLU A 151 40.64 -27.58 20.64
N VAL A 152 41.49 -26.69 21.13
CA VAL A 152 41.51 -26.36 22.54
C VAL A 152 41.50 -24.86 22.80
N LEU A 153 40.52 -24.44 23.61
CA LEU A 153 40.41 -23.04 24.04
C LEU A 153 40.72 -22.81 25.52
N ILE A 154 41.72 -22.00 25.77
CA ILE A 154 42.04 -21.69 27.16
C ILE A 154 41.23 -20.42 27.53
N ILE A 155 40.41 -20.57 28.55
CA ILE A 155 39.77 -19.44 29.19
C ILE A 155 40.58 -19.06 30.44
N ASN A 156 41.40 -18.03 30.24
CA ASN A 156 42.28 -17.47 31.24
C ASN A 156 41.72 -16.42 32.24
N ILE A 157 41.09 -16.82 33.35
CA ILE A 157 40.55 -15.91 34.37
C ILE A 157 41.37 -15.81 35.64
N TRP A 158 41.28 -14.67 36.35
CA TRP A 158 41.88 -14.52 37.66
C TRP A 158 40.97 -15.21 38.64
N GLU A 159 41.54 -15.82 39.66
CA GLU A 159 40.73 -16.59 40.59
C GLU A 159 39.61 -15.71 41.13
N THR A 160 39.86 -14.39 41.19
CA THR A 160 38.95 -13.44 41.83
C THR A 160 37.74 -13.09 41.00
N GLN A 161 37.91 -13.16 39.69
CA GLN A 161 36.81 -13.05 38.75
C GLN A 161 35.85 -14.26 38.81
N VAL A 162 36.21 -15.37 39.44
CA VAL A 162 35.38 -16.56 39.29
C VAL A 162 33.91 -16.40 39.58
N GLY A 163 33.53 -16.00 40.77
CA GLY A 163 32.06 -15.85 41.02
C GLY A 163 31.41 -14.63 40.33
N LEU A 164 32.15 -13.94 39.47
CA LEU A 164 31.66 -12.80 38.79
C LEU A 164 30.91 -13.18 37.52
N TYR A 165 30.31 -12.14 36.92
CA TYR A 165 29.44 -12.24 35.74
C TYR A 165 30.04 -11.68 34.51
N GLN A 166 30.63 -10.51 34.55
CA GLN A 166 31.02 -9.75 33.34
C GLN A 166 32.43 -9.65 33.79
N GLY A 167 32.65 -9.99 35.07
CA GLY A 167 34.00 -10.17 35.60
C GLY A 167 34.56 -11.45 35.08
N ALA A 168 33.77 -12.52 35.18
CA ALA A 168 34.05 -13.77 34.50
C ALA A 168 33.73 -13.69 32.99
N ASN A 169 33.36 -12.51 32.50
CA ASN A 169 33.04 -12.34 31.08
C ASN A 169 31.75 -13.03 30.66
N MET A 170 30.92 -13.50 31.58
CA MET A 170 29.76 -14.30 31.24
C MET A 170 28.79 -13.67 30.18
N GLY A 171 28.93 -12.35 30.00
CA GLY A 171 28.17 -11.61 29.02
C GLY A 171 28.53 -11.61 27.57
N LEU A 172 29.82 -11.45 27.28
CA LEU A 172 30.40 -11.76 25.97
C LEU A 172 30.43 -13.28 25.75
N LEU A 173 30.24 -14.12 26.76
CA LEU A 173 30.14 -15.57 26.48
C LEU A 173 28.78 -15.98 25.93
N LYS A 174 27.73 -15.80 26.72
CA LYS A 174 26.38 -16.13 26.29
C LYS A 174 26.24 -15.94 24.80
N THR A 175 26.56 -14.71 24.38
CA THR A 175 26.54 -14.27 23.01
C THR A 175 27.38 -15.14 22.12
N VAL A 176 28.67 -15.29 22.39
CA VAL A 176 29.53 -15.99 21.41
C VAL A 176 29.04 -17.43 21.22
N PHE A 177 28.92 -18.13 22.32
CA PHE A 177 28.36 -19.46 22.32
C PHE A 177 27.04 -19.49 21.57
N GLU A 178 26.14 -18.59 21.91
CA GLU A 178 24.93 -18.39 21.14
C GLU A 178 25.15 -18.27 19.63
N VAL A 179 25.92 -17.27 19.15
CA VAL A 179 26.08 -17.07 17.69
C VAL A 179 26.92 -18.21 17.09
N ASN A 180 27.73 -18.82 17.95
CA ASN A 180 28.41 -20.03 17.59
C ASN A 180 27.33 -21.01 17.12
N LEU A 181 26.41 -21.38 18.02
CA LEU A 181 25.38 -22.40 17.75
C LEU A 181 24.49 -22.07 16.57
N SER A 182 24.07 -20.82 16.51
CA SER A 182 23.22 -20.33 15.41
C SER A 182 23.99 -20.44 14.12
N LEU A 183 25.29 -20.15 14.15
CA LEU A 183 26.06 -20.09 12.93
C LEU A 183 26.71 -21.41 12.53
N PHE A 184 27.32 -22.15 13.44
CA PHE A 184 27.89 -23.48 13.08
C PHE A 184 27.29 -24.71 13.77
N GLY A 185 26.50 -24.53 14.80
CA GLY A 185 25.84 -25.68 15.39
C GLY A 185 25.20 -26.73 14.48
N LYS A 186 24.83 -26.29 13.27
CA LYS A 186 24.06 -27.11 12.31
C LYS A 186 24.96 -28.24 11.88
N SER A 187 26.17 -27.86 11.49
CA SER A 187 27.21 -28.80 11.08
C SER A 187 27.28 -29.55 12.43
N LYS A 188 26.57 -30.68 12.46
CA LYS A 188 26.67 -31.68 13.49
C LYS A 188 25.74 -32.73 12.89
N LEU A 189 25.65 -33.84 13.59
CA LEU A 189 24.80 -34.96 13.23
C LEU A 189 25.27 -35.58 11.95
N GLU A 190 26.29 -34.98 11.36
CA GLU A 190 26.91 -35.52 10.17
C GLU A 190 28.07 -36.35 10.67
N THR A 191 28.24 -36.32 11.99
CA THR A 191 29.09 -37.25 12.69
C THR A 191 30.53 -37.20 12.25
N HIS A 192 31.40 -36.67 13.13
CA HIS A 192 32.87 -36.73 13.01
C HIS A 192 33.20 -36.86 14.47
N ASN A 193 34.40 -36.51 14.97
CA ASN A 193 35.52 -35.82 14.33
C ASN A 193 34.99 -34.45 14.02
N ASP A 194 34.19 -33.96 14.94
CA ASP A 194 33.54 -32.69 14.76
C ASP A 194 34.35 -31.67 15.45
N HIS A 195 33.71 -30.56 15.72
CA HIS A 195 34.15 -29.63 16.71
C HIS A 195 33.40 -29.86 17.97
N LYS A 196 33.78 -30.93 18.67
CA LYS A 196 33.87 -30.84 20.10
C LYS A 196 35.11 -30.00 20.26
N VAL A 197 35.12 -29.14 21.27
CA VAL A 197 36.31 -28.36 21.55
C VAL A 197 36.53 -28.37 23.07
N LEU A 198 37.80 -28.28 23.44
CA LEU A 198 38.18 -28.25 24.82
C LEU A 198 38.14 -26.84 25.37
N LEU A 199 37.39 -26.70 26.45
CA LEU A 199 37.44 -25.48 27.21
C LEU A 199 38.41 -25.70 28.35
N LEU A 200 39.58 -25.12 28.21
CA LEU A 200 40.64 -25.40 29.14
C LEU A 200 40.78 -24.15 29.85
N ILE A 201 40.23 -24.18 31.03
CA ILE A 201 40.01 -22.94 31.74
C ILE A 201 41.01 -22.93 32.82
N VAL A 202 41.90 -21.93 32.72
CA VAL A 202 43.00 -21.78 33.67
C VAL A 202 42.85 -20.52 34.55
N ILE A 203 42.77 -20.79 35.83
CA ILE A 203 42.66 -19.81 36.90
C ILE A 203 44.00 -19.18 37.28
N ARG A 204 44.08 -17.88 37.26
CA ARG A 204 45.33 -17.22 37.50
C ARG A 204 45.45 -16.66 38.90
N ASP A 205 46.68 -16.33 39.30
CA ASP A 205 46.97 -15.94 40.68
C ASP A 205 46.24 -16.67 41.80
N HIS A 206 46.16 -17.98 41.71
CA HIS A 206 45.40 -18.82 42.62
C HIS A 206 46.13 -18.96 43.93
N VAL A 207 45.63 -18.37 45.00
CA VAL A 207 46.43 -18.41 46.23
C VAL A 207 46.47 -19.83 46.83
N GLY A 208 45.36 -20.56 46.83
CA GLY A 208 45.34 -21.92 47.39
C GLY A 208 44.34 -22.10 48.53
N VAL A 209 44.00 -21.01 49.13
CA VAL A 209 43.01 -21.00 50.16
C VAL A 209 41.77 -21.73 49.69
N THR A 210 41.26 -21.32 48.53
CA THR A 210 40.05 -21.92 47.92
C THR A 210 40.44 -23.00 46.92
N PRO A 211 40.04 -24.25 47.18
CA PRO A 211 40.39 -25.39 46.33
C PRO A 211 39.90 -25.25 44.87
N VAL A 212 40.80 -25.37 43.90
CA VAL A 212 40.41 -25.31 42.47
C VAL A 212 39.19 -26.12 42.18
N GLU A 213 39.03 -27.26 42.81
CA GLU A 213 37.84 -28.08 42.59
C GLU A 213 36.55 -27.32 42.93
N SER A 214 36.61 -26.45 43.93
CA SER A 214 35.49 -25.61 44.31
C SER A 214 35.29 -24.49 43.27
N LEU A 215 36.34 -23.73 42.96
CA LEU A 215 36.28 -22.84 41.80
C LEU A 215 35.68 -23.48 40.52
N ALA A 216 36.08 -24.73 40.23
CA ALA A 216 35.65 -25.48 39.04
C ALA A 216 34.17 -25.68 39.01
N LYS A 217 33.60 -26.10 40.13
CA LYS A 217 32.18 -26.35 40.25
C LYS A 217 31.38 -25.07 39.97
N THR A 218 31.94 -23.94 40.36
CA THR A 218 31.28 -22.68 40.18
C THR A 218 31.25 -22.36 38.70
N PHE A 219 32.39 -22.35 38.06
CA PHE A 219 32.49 -21.82 36.73
C PHE A 219 31.91 -22.76 35.70
N THR A 220 31.59 -23.99 36.11
CA THR A 220 30.98 -24.90 35.15
C THR A 220 29.47 -24.68 35.24
N LEU A 221 28.95 -24.66 36.46
CA LEU A 221 27.61 -24.18 36.70
C LEU A 221 27.41 -22.87 35.97
N ASP A 222 28.32 -21.91 36.11
CA ASP A 222 28.26 -20.67 35.29
C ASP A 222 28.19 -20.94 33.80
N LEU A 223 28.96 -21.94 33.34
CA LEU A 223 28.94 -22.33 31.95
C LEU A 223 27.65 -23.00 31.60
N GLN A 224 27.14 -23.87 32.47
CA GLN A 224 25.83 -24.49 32.27
C GLN A 224 24.67 -23.47 32.25
N ASN A 225 24.59 -22.66 33.28
CA ASN A 225 23.75 -21.49 33.24
C ASN A 225 23.89 -20.78 31.90
N MET A 226 25.10 -20.39 31.50
CA MET A 226 25.19 -19.61 30.28
C MET A 226 24.47 -20.30 29.15
N TRP A 227 24.40 -21.62 29.27
CA TRP A 227 23.92 -22.48 28.19
C TRP A 227 22.41 -22.47 28.09
N SER A 228 21.70 -22.83 29.16
CA SER A 228 20.23 -22.69 29.13
C SER A 228 19.74 -21.28 28.71
N SER A 229 20.60 -20.28 28.85
CA SER A 229 20.24 -18.90 28.52
C SER A 229 20.22 -18.51 27.02
N LEU A 230 21.03 -19.13 26.17
CA LEU A 230 21.14 -18.63 24.79
C LEU A 230 19.93 -18.99 23.90
N ALA A 231 19.66 -18.12 22.93
CA ALA A 231 18.60 -18.33 21.96
C ALA A 231 18.95 -19.42 20.95
N LYS A 232 18.09 -20.42 20.82
CA LYS A 232 18.41 -21.63 20.08
C LYS A 232 17.42 -22.03 18.96
N PRO A 233 17.83 -21.90 17.68
CA PRO A 233 17.01 -22.39 16.58
C PRO A 233 16.56 -23.83 16.84
N ALA A 234 15.26 -24.05 16.65
CA ALA A 234 14.52 -25.16 17.28
C ALA A 234 15.00 -26.57 16.96
N GLU A 235 15.68 -26.72 15.83
CA GLU A 235 16.28 -28.01 15.48
C GLU A 235 17.25 -28.46 16.55
N LEU A 236 17.82 -27.48 17.26
CA LEU A 236 18.90 -27.67 18.22
C LEU A 236 18.48 -27.33 19.63
N GLU A 237 17.22 -26.98 19.80
CA GLU A 237 16.62 -26.75 21.12
C GLU A 237 16.87 -27.93 22.10
N HIS A 238 17.23 -29.09 21.57
CA HIS A 238 17.46 -30.32 22.35
C HIS A 238 18.93 -30.49 22.72
N LEU A 239 19.76 -29.63 22.14
CA LEU A 239 21.19 -29.79 22.24
C LEU A 239 21.74 -29.26 23.58
N GLN A 240 22.65 -30.03 24.19
CA GLN A 240 23.29 -29.64 25.44
C GLN A 240 24.73 -29.12 25.25
N PHE A 241 25.27 -28.51 26.30
CA PHE A 241 26.63 -27.94 26.31
C PHE A 241 27.74 -29.02 26.28
N ALA A 242 27.46 -30.15 26.89
CA ALA A 242 28.38 -31.26 26.88
C ALA A 242 28.52 -31.88 25.48
N ASP A 243 27.45 -31.82 24.71
CA ASP A 243 27.45 -32.39 23.37
C ASP A 243 28.49 -31.66 22.50
N PHE A 244 28.61 -30.37 22.72
CA PHE A 244 29.48 -29.54 21.89
C PHE A 244 30.82 -29.34 22.53
N PHE A 245 30.97 -29.75 23.80
CA PHE A 245 32.03 -29.16 24.65
C PHE A 245 32.53 -29.94 25.86
N ASP A 246 33.86 -30.03 25.94
CA ASP A 246 34.58 -30.54 27.09
C ASP A 246 35.15 -29.35 27.93
N VAL A 247 35.07 -29.46 29.26
CA VAL A 247 35.74 -28.47 30.14
C VAL A 247 36.76 -29.11 31.04
N THR A 248 37.91 -28.46 31.22
CA THR A 248 38.86 -28.85 32.28
C THR A 248 39.59 -27.64 32.79
N PHE A 249 40.17 -27.77 34.00
CA PHE A 249 40.73 -26.66 34.76
C PHE A 249 42.16 -26.83 35.25
N HIS A 250 42.91 -25.74 35.23
CA HIS A 250 44.24 -25.75 35.73
C HIS A 250 44.51 -24.41 36.38
N ALA A 251 44.81 -24.45 37.68
CA ALA A 251 45.19 -23.31 38.49
C ALA A 251 46.67 -23.01 38.46
N LEU A 252 47.05 -21.75 38.38
CA LEU A 252 48.37 -21.31 38.59
C LEU A 252 48.51 -20.40 39.81
N ASN A 253 49.62 -20.53 40.53
CA ASN A 253 49.89 -19.68 41.66
C ASN A 253 50.29 -18.29 41.19
N HIS A 254 50.46 -17.41 42.14
CA HIS A 254 50.81 -16.04 41.86
C HIS A 254 52.10 -15.99 41.11
N LYS A 255 52.10 -15.44 39.94
CA LYS A 255 53.38 -15.41 39.28
C LYS A 255 54.40 -14.52 40.00
N VAL A 256 54.02 -13.40 40.55
CA VAL A 256 55.07 -12.53 41.12
C VAL A 256 55.53 -12.90 42.53
N LEU A 257 54.57 -13.23 43.38
CA LEU A 257 54.82 -13.62 44.76
C LEU A 257 55.15 -15.09 44.95
N GLN A 258 54.85 -15.94 44.00
CA GLN A 258 55.20 -17.33 44.16
C GLN A 258 55.84 -17.87 42.87
N PRO A 259 56.98 -17.31 42.44
CA PRO A 259 57.60 -17.59 41.12
C PRO A 259 57.91 -19.07 40.83
N LYS A 260 58.36 -19.77 41.84
CA LYS A 260 58.63 -21.16 41.74
C LYS A 260 57.39 -21.94 41.52
N GLU A 261 56.35 -21.63 42.27
CA GLU A 261 55.14 -22.45 42.27
C GLU A 261 54.28 -22.02 41.06
N PHE A 262 54.75 -21.00 40.36
CA PHE A 262 54.17 -20.60 39.12
C PHE A 262 54.79 -21.56 38.11
N GLY A 263 56.07 -21.36 37.80
CA GLY A 263 56.82 -22.29 36.93
C GLY A 263 56.48 -23.77 37.08
N GLU A 264 56.21 -24.26 38.29
CA GLU A 264 55.93 -25.66 38.47
C GLU A 264 54.54 -25.91 38.00
N GLY A 265 53.65 -24.98 38.27
CA GLY A 265 52.26 -25.10 37.81
C GLY A 265 52.12 -25.18 36.31
N ILE A 266 52.81 -24.29 35.60
CA ILE A 266 52.96 -24.40 34.18
C ILE A 266 53.50 -25.77 33.74
N ASN A 267 54.69 -26.12 34.21
CA ASN A 267 55.30 -27.38 33.89
C ASN A 267 54.27 -28.47 33.97
N ARG A 268 53.65 -28.55 35.12
CA ARG A 268 52.58 -29.49 35.37
C ARG A 268 51.58 -29.51 34.26
N LEU A 269 51.22 -28.32 33.78
CA LEU A 269 50.34 -28.16 32.57
C LEU A 269 51.04 -28.59 31.28
N GLY A 270 52.34 -28.30 31.18
CA GLY A 270 53.17 -28.81 30.08
C GLY A 270 53.04 -30.30 29.98
N ASP A 271 53.25 -30.98 31.10
CA ASP A 271 53.09 -32.42 31.20
C ASP A 271 51.70 -32.81 30.80
N ARG A 272 50.76 -31.99 31.15
CA ARG A 272 49.40 -32.37 30.91
C ARG A 272 49.10 -32.60 29.46
N LEU A 273 49.80 -31.90 28.57
CA LEU A 273 49.35 -31.92 27.19
C LEU A 273 50.17 -32.68 26.18
N VAL A 274 51.31 -33.12 26.63
CA VAL A 274 52.34 -33.69 25.81
C VAL A 274 52.77 -34.98 26.47
N VAL A 275 52.91 -34.96 27.80
CA VAL A 275 53.48 -36.08 28.55
C VAL A 275 52.39 -37.09 28.93
N SER A 276 51.64 -36.81 29.96
CA SER A 276 50.41 -37.52 30.24
C SER A 276 49.71 -37.70 28.92
N ASN A 277 49.72 -36.65 28.10
CA ASN A 277 48.89 -36.54 26.89
C ASN A 277 47.41 -36.77 27.15
N GLU A 278 46.87 -36.09 28.16
CA GLU A 278 45.48 -36.30 28.54
C GLU A 278 44.55 -35.25 27.98
N LEU A 279 45.15 -34.23 27.36
CA LEU A 279 44.45 -33.03 26.96
C LEU A 279 43.87 -32.75 25.60
N PHE A 280 44.69 -32.96 24.56
CA PHE A 280 44.25 -33.03 23.14
C PHE A 280 43.68 -34.42 22.93
N LYS A 281 42.64 -34.50 22.14
CA LYS A 281 42.05 -35.77 21.82
C LYS A 281 41.61 -35.56 20.39
N PRO A 282 41.39 -36.69 19.67
CA PRO A 282 40.99 -36.70 18.27
C PRO A 282 39.67 -36.06 17.89
N GLU A 283 38.72 -36.07 18.85
CA GLU A 283 37.36 -35.43 18.76
C GLU A 283 37.43 -33.95 18.39
N TYR A 284 38.52 -33.27 18.73
CA TYR A 284 38.59 -31.86 18.56
C TYR A 284 39.21 -31.57 17.24
N HIS A 285 40.10 -32.45 16.79
CA HIS A 285 40.79 -32.25 15.53
C HIS A 285 39.83 -32.56 14.39
N HIS A 286 39.55 -31.56 13.56
CA HIS A 286 38.47 -31.71 12.58
C HIS A 286 39.06 -32.39 11.34
N ASP A 287 40.29 -32.85 11.47
CA ASP A 287 40.81 -33.93 10.67
C ASP A 287 41.12 -33.84 9.22
N VAL A 288 41.79 -32.75 8.83
CA VAL A 288 42.19 -32.48 7.44
C VAL A 288 43.51 -31.72 7.44
N PRO A 289 44.25 -31.71 6.32
CA PRO A 289 45.60 -31.11 6.38
C PRO A 289 45.59 -29.61 6.64
N ILE A 290 46.72 -29.07 7.08
CA ILE A 290 46.74 -27.68 7.50
C ILE A 290 46.19 -26.69 6.48
N ASP A 291 46.45 -26.91 5.20
CA ASP A 291 45.91 -26.01 4.16
C ASP A 291 44.39 -25.94 4.25
N GLY A 292 43.79 -27.07 4.59
CA GLY A 292 42.37 -27.14 4.83
C GLY A 292 41.95 -26.19 5.92
N TRP A 293 42.61 -26.33 7.07
CA TRP A 293 42.38 -25.45 8.19
C TRP A 293 42.58 -23.99 7.78
N THR A 294 43.71 -23.68 7.14
CA THR A 294 43.96 -22.29 6.76
C THR A 294 42.85 -21.70 5.86
N MET A 295 42.11 -22.56 5.18
CA MET A 295 40.98 -22.11 4.38
C MET A 295 39.74 -22.03 5.27
N TYR A 296 39.55 -23.03 6.13
CA TYR A 296 38.38 -23.14 7.00
C TYR A 296 38.24 -21.99 7.94
N ALA A 297 39.38 -21.41 8.26
CA ALA A 297 39.45 -20.27 9.16
C ALA A 297 38.87 -19.10 8.42
N GLU A 298 39.48 -18.80 7.27
CA GLU A 298 39.03 -17.69 6.46
C GLU A 298 37.56 -17.76 6.20
N ARG A 299 37.01 -18.96 6.08
CA ARG A 299 35.57 -19.11 5.82
C ARG A 299 34.77 -18.70 7.02
N CYS A 300 35.25 -19.16 8.18
CA CYS A 300 34.59 -18.88 9.42
C CYS A 300 34.76 -17.41 9.62
N TRP A 301 35.96 -16.86 9.33
CA TRP A 301 36.19 -15.41 9.51
C TRP A 301 35.22 -14.50 8.75
N GLU A 302 35.00 -14.80 7.48
CA GLU A 302 34.01 -14.09 6.67
C GLU A 302 32.64 -14.15 7.31
N GLN A 303 32.15 -15.36 7.53
CA GLN A 303 30.86 -15.53 8.22
C GLN A 303 30.79 -14.75 9.55
N ILE A 304 31.87 -14.75 10.32
CA ILE A 304 31.94 -14.00 11.57
C ILE A 304 32.08 -12.46 11.53
N GLU A 305 32.93 -11.97 10.61
CA GLU A 305 33.44 -10.58 10.54
C GLU A 305 32.29 -9.64 10.42
N THR A 306 31.30 -10.09 9.68
CA THR A 306 30.08 -9.34 9.46
C THR A 306 28.65 -9.74 9.76
N ASN A 307 28.56 -10.77 10.60
CA ASN A 307 27.30 -11.25 11.09
C ASN A 307 26.26 -10.26 11.58
N LYS A 308 25.00 -10.55 11.24
CA LYS A 308 23.83 -9.80 11.72
C LYS A 308 23.69 -9.98 13.26
N ASP A 309 23.38 -11.19 13.67
CA ASP A 309 23.35 -11.56 15.08
C ASP A 309 24.44 -10.93 15.96
N LEU A 310 25.61 -10.70 15.39
CA LEU A 310 26.74 -10.09 16.12
C LEU A 310 26.73 -8.57 16.01
N ASP A 311 26.33 -8.10 14.83
CA ASP A 311 26.16 -6.68 14.55
C ASP A 311 25.22 -6.14 15.64
N LEU A 312 25.78 -5.34 16.55
CA LEU A 312 25.03 -4.75 17.66
C LEU A 312 25.63 -3.38 17.99
N PRO A 313 24.76 -2.32 18.05
CA PRO A 313 25.12 -1.07 18.73
C PRO A 313 25.19 -1.30 20.24
N THR A 314 25.95 -0.48 20.95
CA THR A 314 26.26 -0.82 22.34
C THR A 314 25.57 0.07 23.33
N GLN A 315 24.84 -0.59 24.23
CA GLN A 315 24.24 -0.02 25.44
C GLN A 315 23.75 1.42 25.34
N GLN A 316 24.66 2.39 25.36
CA GLN A 316 24.29 3.81 25.30
C GLN A 316 23.07 3.98 24.42
N ILE A 317 23.26 3.66 23.14
CA ILE A 317 22.21 3.57 22.14
C ILE A 317 21.08 2.62 22.54
N LEU A 318 21.33 1.33 22.63
CA LEU A 318 20.30 0.40 23.13
C LEU A 318 19.44 1.03 24.22
N VAL A 319 20.09 1.60 25.21
CA VAL A 319 19.38 2.10 26.38
C VAL A 319 18.73 3.46 26.16
N ALA A 320 19.23 4.21 25.19
CA ALA A 320 18.61 5.47 24.77
C ALA A 320 17.38 5.29 23.87
N GLN A 321 17.27 4.10 23.29
CA GLN A 321 16.11 3.73 22.50
C GLN A 321 14.97 3.48 23.49
N PHE A 322 15.16 2.61 24.46
CA PHE A 322 14.08 2.27 25.35
C PHE A 322 13.67 3.47 26.14
N LYS A 323 14.60 4.35 26.41
CA LYS A 323 14.32 5.50 27.26
C LYS A 323 13.43 6.51 26.55
N CYS A 324 13.64 6.64 25.26
CA CYS A 324 12.88 7.61 24.50
C CYS A 324 11.48 7.05 24.16
N ASP A 325 11.41 5.77 23.84
CA ASP A 325 10.13 5.10 23.71
C ASP A 325 9.28 5.21 24.96
N GLU A 326 9.89 5.26 26.13
CA GLU A 326 9.13 5.36 27.37
C GLU A 326 8.49 6.74 27.41
N ILE A 327 9.26 7.73 26.99
CA ILE A 327 8.84 9.14 27.02
C ILE A 327 7.76 9.41 25.98
N VAL A 328 7.83 8.72 24.87
CA VAL A 328 6.85 8.90 23.84
C VAL A 328 5.49 8.48 24.39
N GLU A 329 5.36 7.22 24.79
CA GLU A 329 4.06 6.77 25.28
C GLU A 329 3.49 7.67 26.34
N SER A 330 4.33 8.28 27.15
CA SER A 330 3.82 9.17 28.19
C SER A 330 3.36 10.50 27.61
N VAL A 331 4.17 11.10 26.75
CA VAL A 331 3.87 12.41 26.17
C VAL A 331 2.69 12.26 25.20
N PHE A 332 2.63 11.11 24.54
CA PHE A 332 1.54 10.79 23.63
C PHE A 332 0.23 10.49 24.35
N GLN A 333 0.27 9.74 25.44
CA GLN A 333 -0.95 9.53 26.23
C GLN A 333 -1.39 10.81 26.93
N GLU A 334 -0.44 11.71 27.16
CA GLU A 334 -0.73 13.11 27.57
C GLU A 334 -1.27 13.91 26.39
N PHE A 335 -1.25 13.31 25.21
CA PHE A 335 -1.80 13.94 24.02
C PHE A 335 -3.17 13.35 23.72
N LEU A 336 -3.28 12.03 23.72
CA LEU A 336 -4.53 11.39 23.41
C LEU A 336 -5.71 11.95 24.15
N THR A 337 -5.81 11.68 25.44
CA THR A 337 -7.04 12.02 26.16
C THR A 337 -7.26 13.57 26.28
N LYS A 338 -6.28 14.34 25.80
CA LYS A 338 -6.39 15.81 25.65
C LYS A 338 -6.96 16.17 24.26
N TYR A 339 -7.25 15.13 23.50
CA TYR A 339 -7.79 15.18 22.16
C TYR A 339 -9.10 14.42 22.17
N GLN A 340 -9.18 13.35 22.97
CA GLN A 340 -10.45 12.73 23.32
C GLN A 340 -11.42 13.82 23.89
N HIS A 341 -10.84 14.96 24.25
CA HIS A 341 -11.53 16.08 24.88
C HIS A 341 -11.90 17.25 23.98
N HIS A 342 -11.05 17.57 23.02
CA HIS A 342 -11.37 18.55 21.98
C HIS A 342 -12.17 17.94 20.86
N PHE A 343 -12.05 16.64 20.68
CA PHE A 343 -12.65 16.00 19.54
C PHE A 343 -13.54 14.79 19.84
N LYS A 344 -13.83 14.50 21.10
CA LYS A 344 -14.84 13.45 21.39
C LYS A 344 -16.15 13.87 20.72
N GLU A 345 -16.43 15.17 20.83
CA GLU A 345 -17.49 15.83 20.09
C GLU A 345 -16.93 16.28 18.75
N VAL A 346 -17.63 15.96 17.68
CA VAL A 346 -17.30 16.51 16.36
C VAL A 346 -17.72 17.97 16.35
N ASP A 347 -16.76 18.88 16.14
CA ASP A 347 -17.03 20.33 16.26
C ASP A 347 -18.27 20.76 15.48
N ALA A 348 -19.13 21.49 16.18
CA ALA A 348 -20.37 21.99 15.61
C ALA A 348 -20.11 23.14 14.63
N ALA A 349 -19.33 24.11 15.09
CA ALA A 349 -19.01 25.33 14.32
C ALA A 349 -17.55 25.30 13.89
N PRO A 350 -17.27 24.70 12.73
CA PRO A 350 -15.87 24.53 12.35
C PRO A 350 -15.25 25.80 11.77
N ASP A 351 -14.02 26.10 12.18
CA ASP A 351 -13.17 27.06 11.48
C ASP A 351 -11.80 26.45 11.23
N PHE A 352 -11.32 26.57 10.00
CA PHE A 352 -10.09 25.89 9.57
C PHE A 352 -8.82 26.56 10.03
N GLU A 353 -8.89 27.85 10.34
CA GLU A 353 -7.79 28.53 11.05
C GLU A 353 -7.81 28.22 12.55
N GLU A 354 -8.99 28.23 13.18
CA GLU A 354 -9.14 27.79 14.57
C GLU A 354 -8.55 26.40 14.75
N LEU A 355 -8.95 25.50 13.86
CA LEU A 355 -8.50 24.10 13.90
C LEU A 355 -6.99 23.93 13.69
N GLY A 356 -6.49 24.18 12.48
CA GLY A 356 -5.07 24.06 12.18
C GLY A 356 -4.12 24.62 13.25
N ALA A 357 -4.47 25.77 13.81
CA ALA A 357 -3.68 26.39 14.84
C ALA A 357 -3.77 25.54 16.08
N LEU A 358 -4.97 25.16 16.48
CA LEU A 358 -5.12 24.34 17.69
C LEU A 358 -4.50 23.00 17.55
N PHE A 359 -4.34 22.55 16.31
CA PHE A 359 -3.58 21.34 16.01
C PHE A 359 -2.14 21.66 16.43
N ALA A 360 -1.53 22.63 15.76
CA ALA A 360 -0.13 22.99 16.03
C ALA A 360 0.18 23.04 17.52
N ASP A 361 -0.68 23.73 18.23
CA ASP A 361 -0.56 23.88 19.67
C ASP A 361 -0.43 22.50 20.32
N LEU A 362 -1.41 21.65 20.12
CA LEU A 362 -1.40 20.33 20.71
C LEU A 362 -0.07 19.63 20.52
N ARG A 363 0.41 19.69 19.28
CA ARG A 363 1.66 19.06 18.87
C ARG A 363 2.86 19.82 19.36
N GLN A 364 2.69 21.10 19.63
CA GLN A 364 3.74 21.89 20.24
C GLN A 364 3.92 21.47 21.67
N ASP A 365 2.86 21.55 22.46
CA ASP A 365 2.87 21.05 23.83
C ASP A 365 3.68 19.78 23.97
N ALA A 366 3.35 18.78 23.15
CA ALA A 366 3.94 17.44 23.26
C ALA A 366 5.47 17.42 22.99
N PHE A 367 5.88 18.03 21.89
CA PHE A 367 7.28 18.12 21.54
C PHE A 367 8.12 18.70 22.67
N GLU A 368 7.77 19.89 23.14
CA GLU A 368 8.52 20.48 24.23
C GLU A 368 8.55 19.51 25.42
N ASP A 369 7.43 18.94 25.81
CA ASP A 369 7.43 18.02 26.94
C ASP A 369 8.39 16.84 26.70
N TYR A 370 8.25 16.22 25.55
CA TYR A 370 9.19 15.17 25.14
C TYR A 370 10.62 15.70 25.15
N ASP A 371 10.84 16.86 24.52
CA ASP A 371 12.16 17.49 24.47
C ASP A 371 12.75 17.87 25.83
N ALA A 372 11.88 18.02 26.82
CA ALA A 372 12.32 18.32 28.17
C ALA A 372 12.71 17.05 28.92
N SER A 373 12.66 15.93 28.22
CA SER A 373 12.96 14.67 28.83
C SER A 373 13.95 13.82 28.04
N ALA A 374 14.16 14.13 26.78
CA ALA A 374 15.03 13.30 25.96
C ALA A 374 16.05 14.07 25.13
N SER A 375 16.26 15.35 25.39
CA SER A 375 17.29 16.08 24.66
C SER A 375 18.68 15.73 25.24
N ARG A 376 18.62 15.02 26.37
CA ARG A 376 19.77 14.40 27.01
C ARG A 376 20.41 13.39 26.05
N TYR A 377 19.63 12.38 25.66
CA TYR A 377 20.19 11.16 25.06
C TYR A 377 20.72 11.37 23.66
N ASN A 378 21.09 10.27 23.01
CA ASN A 378 21.83 10.36 21.77
C ASN A 378 20.91 11.23 20.94
N LYS A 379 21.51 12.11 20.13
CA LYS A 379 20.74 13.00 19.25
C LYS A 379 19.99 12.09 18.31
N ALA A 380 20.72 11.27 17.57
CA ALA A 380 20.13 10.49 16.51
C ALA A 380 18.92 9.70 17.02
N VAL A 381 19.07 9.04 18.16
CA VAL A 381 17.95 8.31 18.75
C VAL A 381 16.91 9.31 19.21
N TYR A 382 17.31 10.23 20.06
CA TYR A 382 16.43 11.32 20.39
C TYR A 382 15.73 11.84 19.16
N GLU A 383 16.45 12.00 18.05
CA GLU A 383 15.88 12.62 16.87
C GLU A 383 14.92 11.68 16.19
N GLN A 384 15.40 10.49 15.90
CA GLN A 384 14.57 9.42 15.37
C GLN A 384 13.30 9.23 16.17
N LYS A 385 13.41 9.14 17.50
CA LYS A 385 12.22 8.91 18.35
C LYS A 385 11.33 10.13 18.51
N ARG A 386 11.73 11.26 17.94
CA ARG A 386 10.95 12.49 17.95
C ARG A 386 10.03 12.53 16.75
N LYS A 387 10.59 12.16 15.60
CA LYS A 387 9.84 11.95 14.37
C LYS A 387 8.84 10.83 14.57
N LYS A 388 9.22 9.79 15.29
CA LYS A 388 8.24 8.75 15.63
C LYS A 388 7.07 9.38 16.37
N LEU A 389 7.37 10.26 17.31
CA LEU A 389 6.29 10.97 18.04
C LEU A 389 5.50 11.90 17.14
N ARG A 390 6.20 12.72 16.37
CA ARG A 390 5.53 13.56 15.40
C ARG A 390 4.43 12.83 14.64
N TRP A 391 4.79 11.75 13.97
CA TRP A 391 3.86 11.09 13.09
C TRP A 391 2.83 10.25 13.82
N LEU A 392 3.07 9.99 15.09
CA LEU A 392 2.09 9.29 15.89
C LEU A 392 0.89 10.16 16.05
N ILE A 393 1.18 11.45 16.27
CA ILE A 393 0.18 12.54 16.42
C ILE A 393 -0.41 13.20 15.14
N ASN A 394 0.42 13.33 14.11
CA ASN A 394 -0.11 13.62 12.80
C ASN A 394 -1.23 12.63 12.51
N ASP A 395 -1.00 11.35 12.65
CA ASP A 395 -2.05 10.35 12.33
C ASP A 395 -3.32 10.41 13.20
N LYS A 396 -3.19 10.90 14.41
CA LYS A 396 -4.38 11.11 15.22
C LYS A 396 -5.05 12.43 14.89
N LEU A 397 -4.31 13.30 14.23
CA LEU A 397 -4.86 14.55 13.78
C LEU A 397 -5.46 14.44 12.42
N LYS A 398 -4.96 13.52 11.60
CA LYS A 398 -5.51 13.35 10.28
C LYS A 398 -6.88 12.71 10.30
N GLU A 399 -7.23 12.03 11.38
CA GLU A 399 -8.59 11.52 11.52
C GLU A 399 -9.55 12.71 11.56
N VAL A 400 -9.40 13.56 12.57
CA VAL A 400 -10.14 14.82 12.71
C VAL A 400 -10.17 15.67 11.44
N PHE A 401 -8.99 15.99 10.92
CA PHE A 401 -8.84 16.80 9.70
C PHE A 401 -9.61 16.15 8.60
N ASP A 402 -9.47 14.84 8.42
CA ASP A 402 -10.22 14.14 7.38
C ASP A 402 -11.73 14.26 7.56
N VAL A 403 -12.23 14.25 8.80
CA VAL A 403 -13.66 14.41 8.99
C VAL A 403 -14.12 15.75 8.41
N HIS A 404 -13.64 16.83 8.99
CA HIS A 404 -14.02 18.16 8.53
C HIS A 404 -13.68 18.37 7.05
N ALA A 405 -12.64 17.74 6.54
CA ALA A 405 -12.35 17.83 5.13
C ALA A 405 -13.52 17.30 4.30
N LYS A 406 -14.11 16.18 4.73
CA LYS A 406 -15.22 15.55 3.98
C LYS A 406 -16.54 16.28 4.19
N ASN A 407 -16.77 16.80 5.41
CA ASN A 407 -17.95 17.60 5.64
C ASN A 407 -17.93 18.78 4.72
N LEU A 408 -16.85 19.55 4.76
CA LEU A 408 -16.73 20.69 3.86
C LEU A 408 -17.02 20.33 2.41
N CYS A 409 -16.51 19.19 1.96
CA CYS A 409 -16.66 18.82 0.56
C CYS A 409 -18.11 18.58 0.17
N ASN A 410 -18.80 17.73 0.92
CA ASN A 410 -20.20 17.37 0.63
C ASN A 410 -21.10 18.59 0.54
N THR A 411 -20.95 19.49 1.52
CA THR A 411 -21.60 20.79 1.49
C THR A 411 -21.29 21.57 0.21
N LEU A 412 -20.03 21.95 0.05
CA LEU A 412 -19.57 22.61 -1.16
C LEU A 412 -20.04 21.92 -2.44
N LEU A 413 -20.09 20.59 -2.42
CA LEU A 413 -20.57 19.86 -3.57
C LEU A 413 -22.07 20.03 -3.86
N GLU A 414 -22.88 20.21 -2.83
CA GLU A 414 -24.30 20.44 -3.05
C GLU A 414 -24.49 21.73 -3.80
N LYS A 415 -24.05 22.84 -3.23
CA LYS A 415 -24.09 24.11 -3.92
C LYS A 415 -23.75 23.89 -5.39
N PHE A 416 -22.53 23.50 -5.67
CA PHE A 416 -22.10 23.18 -7.03
C PHE A 416 -23.17 22.45 -7.85
N GLU A 417 -23.70 21.34 -7.36
CA GLU A 417 -24.75 20.61 -8.12
C GLU A 417 -25.96 21.50 -8.42
N LYS A 418 -26.47 22.14 -7.38
CA LYS A 418 -27.49 23.16 -7.52
C LYS A 418 -27.05 24.12 -8.63
N ASP A 419 -25.87 24.70 -8.45
CA ASP A 419 -25.33 25.68 -9.40
C ASP A 419 -25.51 25.20 -10.82
N LEU A 420 -25.01 24.01 -11.10
CA LEU A 420 -25.21 23.41 -12.42
C LEU A 420 -26.68 23.37 -12.88
N VAL A 421 -27.59 22.96 -11.98
CA VAL A 421 -29.01 22.92 -12.27
C VAL A 421 -29.61 24.30 -12.51
N ALA A 422 -29.09 25.28 -11.76
CA ALA A 422 -29.60 26.67 -11.75
C ALA A 422 -29.39 27.25 -13.16
N LEU A 423 -28.30 26.87 -13.81
CA LEU A 423 -28.00 27.35 -15.16
C LEU A 423 -28.72 26.82 -16.43
N LYS A 424 -29.29 25.62 -16.32
CA LYS A 424 -30.20 25.03 -17.33
C LYS A 424 -29.87 25.14 -18.81
N GLY A 425 -28.89 24.35 -19.26
CA GLY A 425 -28.48 24.34 -20.67
C GLY A 425 -27.68 25.58 -21.08
N LYS A 426 -27.36 26.46 -20.13
CA LYS A 426 -26.67 27.72 -20.44
C LYS A 426 -25.18 27.40 -20.61
N ASP A 427 -24.78 27.14 -21.85
CA ASP A 427 -23.39 26.86 -22.23
C ASP A 427 -22.64 25.98 -21.22
N PHE A 428 -23.05 24.72 -21.17
CA PHE A 428 -22.63 23.76 -20.14
C PHE A 428 -21.14 23.63 -19.86
N ALA A 429 -20.38 23.13 -20.85
CA ALA A 429 -18.92 22.88 -20.74
C ALA A 429 -18.11 24.14 -20.39
N VAL A 430 -18.59 25.28 -20.85
CA VAL A 430 -17.96 26.58 -20.57
C VAL A 430 -18.30 27.01 -19.13
N ASN A 431 -19.25 26.32 -18.51
CA ASN A 431 -19.60 26.54 -17.12
C ASN A 431 -19.18 25.41 -16.18
N VAL A 432 -19.01 24.24 -16.75
CA VAL A 432 -18.29 23.18 -16.09
C VAL A 432 -16.86 23.59 -15.77
N LYS A 433 -16.24 24.33 -16.70
CA LYS A 433 -14.85 24.75 -16.58
C LYS A 433 -14.65 25.66 -15.36
N THR A 434 -15.43 26.72 -15.27
CA THR A 434 -15.17 27.80 -14.31
C THR A 434 -15.55 27.29 -12.92
N LEU A 435 -16.74 26.72 -12.78
CA LEU A 435 -17.29 26.34 -11.47
C LEU A 435 -16.51 25.22 -10.85
N SER A 436 -16.28 24.16 -11.62
CA SER A 436 -15.43 23.04 -11.19
C SER A 436 -14.01 23.51 -10.81
N THR A 437 -13.39 24.28 -11.68
CA THR A 437 -12.13 24.93 -11.33
C THR A 437 -12.22 25.60 -9.96
N LYS A 438 -13.17 26.51 -9.80
CA LYS A 438 -13.24 27.34 -8.59
C LYS A 438 -13.54 26.54 -7.33
N LEU A 439 -14.21 25.41 -7.49
CA LEU A 439 -14.50 24.53 -6.35
C LEU A 439 -13.25 23.85 -5.85
N VAL A 440 -12.54 23.18 -6.77
CA VAL A 440 -11.27 22.50 -6.45
C VAL A 440 -10.31 23.48 -5.75
N GLU A 441 -10.12 24.62 -6.39
CA GLU A 441 -9.40 25.73 -5.79
C GLU A 441 -9.96 26.03 -4.38
N ASP A 442 -11.28 26.11 -4.26
CA ASP A 442 -11.93 26.46 -3.01
C ASP A 442 -11.55 25.55 -1.88
N VAL A 443 -11.63 24.25 -2.10
CA VAL A 443 -11.29 23.30 -1.04
C VAL A 443 -9.78 23.38 -0.74
N ASN A 444 -8.97 23.31 -1.80
CA ASN A 444 -7.52 23.36 -1.70
C ASN A 444 -6.98 24.58 -0.97
N PHE A 445 -7.85 25.50 -0.62
CA PHE A 445 -7.42 26.67 0.12
C PHE A 445 -7.92 26.59 1.51
N GLN A 446 -9.22 26.39 1.59
CA GLN A 446 -9.98 26.20 2.79
C GLN A 446 -9.43 25.05 3.67
N VAL A 447 -9.10 23.92 3.05
CA VAL A 447 -8.58 22.77 3.78
C VAL A 447 -7.10 22.96 4.17
N SER A 448 -6.27 23.30 3.18
CA SER A 448 -4.83 23.59 3.38
C SER A 448 -4.55 24.52 4.57
N LEU A 449 -5.57 25.18 5.09
CA LEU A 449 -5.44 26.00 6.28
C LEU A 449 -5.30 25.16 7.54
N MET A 450 -5.22 23.87 7.38
CA MET A 450 -5.41 22.93 8.45
C MET A 450 -4.37 21.83 8.29
N SER A 451 -3.68 21.84 7.16
CA SER A 451 -2.78 20.77 6.74
C SER A 451 -1.48 20.80 7.52
N LEU A 452 -1.46 21.60 8.59
CA LEU A 452 -0.28 21.77 9.39
C LEU A 452 0.93 21.76 8.46
N GLN A 453 1.13 22.86 7.73
CA GLN A 453 2.41 23.10 7.07
C GLN A 453 2.62 22.07 5.95
N GLY A 454 1.52 21.53 5.45
CA GLY A 454 1.61 20.43 4.49
C GLY A 454 1.92 19.09 5.13
N ASP A 455 2.04 19.05 6.45
CA ASP A 455 2.29 17.81 7.15
C ASP A 455 1.19 16.84 6.86
N LEU A 456 -0.04 17.32 6.95
CA LEU A 456 -1.21 16.54 6.55
C LEU A 456 -1.52 16.81 5.06
N SER A 457 -1.61 15.75 4.27
CA SER A 457 -1.75 15.83 2.80
C SER A 457 -3.19 16.01 2.33
N LEU A 458 -3.31 16.69 1.19
CA LEU A 458 -4.58 16.95 0.53
C LEU A 458 -4.76 16.08 -0.70
N ASP A 459 -3.68 15.44 -1.11
CA ASP A 459 -3.65 14.69 -2.36
C ASP A 459 -4.89 13.79 -2.56
N GLU A 460 -5.21 12.98 -1.55
CA GLU A 460 -6.33 12.00 -1.65
C GLU A 460 -7.71 12.64 -1.60
N ILE A 461 -7.83 13.76 -0.88
CA ILE A 461 -9.06 14.55 -0.82
C ILE A 461 -9.35 15.17 -2.19
N ILE A 462 -8.43 16.01 -2.65
CA ILE A 462 -8.53 16.65 -3.95
C ILE A 462 -8.89 15.60 -5.01
N LEU A 463 -8.19 14.47 -5.02
CA LEU A 463 -8.53 13.36 -5.91
C LEU A 463 -10.01 12.93 -5.74
N ALA A 464 -10.42 12.67 -4.51
CA ALA A 464 -11.80 12.21 -4.26
C ALA A 464 -12.80 13.31 -4.60
N LEU A 465 -12.33 14.55 -4.68
CA LEU A 465 -13.21 15.61 -5.09
C LEU A 465 -13.49 15.49 -6.58
N THR A 466 -12.45 15.64 -7.38
CA THR A 466 -12.54 15.46 -8.81
C THR A 466 -13.51 14.32 -9.14
N LYS A 467 -13.25 13.13 -8.60
CA LYS A 467 -14.13 11.98 -8.89
C LYS A 467 -15.61 12.32 -8.64
N ASP A 468 -15.90 13.01 -7.52
CA ASP A 468 -17.27 13.35 -7.17
C ASP A 468 -17.81 14.45 -8.10
N ILE A 469 -16.91 15.34 -8.53
CA ILE A 469 -17.24 16.38 -9.53
C ILE A 469 -17.66 15.77 -10.84
N ASP A 470 -16.77 14.95 -11.40
CA ASP A 470 -17.01 14.29 -12.67
C ASP A 470 -18.22 13.35 -12.59
N ALA A 471 -18.47 12.76 -11.43
CA ALA A 471 -19.70 11.98 -11.22
C ALA A 471 -20.95 12.85 -11.42
N ILE A 472 -20.99 14.01 -10.78
CA ILE A 472 -22.08 14.95 -10.95
C ILE A 472 -22.25 15.32 -12.43
N VAL A 473 -21.28 15.99 -13.06
CA VAL A 473 -21.51 16.43 -14.45
C VAL A 473 -22.08 15.31 -15.27
N ALA A 474 -21.48 14.14 -15.21
CA ALA A 474 -21.96 12.99 -15.97
C ALA A 474 -23.47 12.76 -15.77
N LYS A 475 -23.93 12.79 -14.53
CA LYS A 475 -25.35 12.58 -14.22
C LYS A 475 -26.20 13.82 -14.59
N GLN A 476 -25.64 15.01 -14.49
CA GLN A 476 -26.36 16.22 -14.87
C GLN A 476 -26.30 16.44 -16.36
N GLN A 477 -25.32 15.85 -17.01
CA GLN A 477 -25.22 15.91 -18.45
C GLN A 477 -26.35 15.14 -19.08
N VAL A 478 -26.67 13.96 -18.53
CA VAL A 478 -27.80 13.15 -19.06
C VAL A 478 -29.16 13.86 -18.87
N VAL A 479 -29.28 14.67 -17.83
CA VAL A 479 -30.45 15.48 -17.58
C VAL A 479 -30.56 16.67 -18.54
N GLU A 480 -29.45 17.35 -18.83
CA GLU A 480 -29.49 18.40 -19.85
C GLU A 480 -29.66 17.84 -21.27
N LEU A 481 -29.16 16.62 -21.47
CA LEU A 481 -29.29 15.90 -22.74
C LEU A 481 -30.75 15.55 -23.04
N ASN A 482 -31.49 15.08 -22.03
CA ASN A 482 -32.88 14.66 -22.20
C ASN A 482 -33.86 15.79 -22.12
N SER A 483 -33.53 16.82 -21.35
CA SER A 483 -34.35 18.02 -21.36
C SER A 483 -34.27 18.69 -22.73
N ILE A 484 -33.08 18.73 -23.31
CA ILE A 484 -32.91 19.29 -24.66
C ILE A 484 -33.80 18.56 -25.69
N VAL A 485 -33.75 17.23 -25.70
CA VAL A 485 -34.63 16.40 -26.54
C VAL A 485 -36.11 16.70 -26.22
N ASN A 486 -36.49 16.57 -24.95
CA ASN A 486 -37.89 16.77 -24.57
C ASN A 486 -38.47 18.13 -24.95
N LYS A 487 -37.64 19.18 -24.90
CA LYS A 487 -38.03 20.55 -25.29
C LYS A 487 -37.69 20.87 -26.75
N SER A 488 -37.17 19.87 -27.45
CA SER A 488 -37.05 19.91 -28.90
C SER A 488 -38.26 19.21 -29.53
N VAL A 489 -38.95 18.39 -28.73
CA VAL A 489 -40.20 17.72 -29.13
C VAL A 489 -41.42 18.52 -28.64
N LYS A 490 -41.25 19.81 -28.41
CA LYS A 490 -42.36 20.70 -28.06
C LYS A 490 -42.42 21.92 -28.97
N LYS A 491 -41.33 22.19 -29.67
CA LYS A 491 -41.35 23.11 -30.79
C LYS A 491 -41.48 22.29 -32.08
N LEU A 492 -41.91 21.05 -31.90
CA LEU A 492 -42.26 20.14 -32.98
C LEU A 492 -43.69 19.63 -33.00
N SER A 493 -44.26 19.33 -31.83
CA SER A 493 -45.64 18.83 -31.69
C SER A 493 -46.48 20.10 -31.81
N ALA A 494 -45.89 21.23 -31.44
CA ALA A 494 -46.45 22.55 -31.71
C ALA A 494 -46.76 23.15 -33.07
N SER A 495 -45.71 23.34 -33.89
CA SER A 495 -45.81 23.99 -35.19
C SER A 495 -46.25 22.84 -36.10
N LEU A 496 -45.96 21.59 -35.70
CA LEU A 496 -46.44 20.41 -36.41
C LEU A 496 -47.95 20.18 -36.34
N SER A 497 -48.48 19.91 -35.15
CA SER A 497 -49.91 19.61 -34.96
C SER A 497 -50.82 20.80 -35.37
N LYS A 498 -50.19 21.97 -35.55
CA LYS A 498 -50.80 23.21 -36.06
C LYS A 498 -50.94 23.37 -37.57
N SER A 499 -49.84 23.13 -38.29
CA SER A 499 -49.84 23.22 -39.74
C SER A 499 -50.41 21.92 -40.37
N ILE A 500 -50.84 20.99 -39.51
CA ILE A 500 -51.83 19.98 -39.87
C ILE A 500 -53.18 20.58 -40.25
N GLN A 501 -53.77 21.32 -39.32
CA GLN A 501 -54.94 22.13 -39.65
C GLN A 501 -54.79 23.33 -40.58
N PHE A 502 -53.81 24.21 -40.35
CA PHE A 502 -53.70 25.48 -41.10
C PHE A 502 -53.69 25.14 -42.60
N GLU A 503 -52.95 24.13 -43.01
CA GLU A 503 -53.01 23.69 -44.38
C GLU A 503 -54.44 23.24 -44.67
N LEU A 504 -55.02 22.48 -43.73
CA LEU A 504 -56.37 21.84 -43.84
C LEU A 504 -57.60 22.75 -44.11
N GLY A 505 -57.42 24.07 -44.01
CA GLY A 505 -58.44 25.04 -44.44
C GLY A 505 -58.48 25.20 -45.96
N ASP A 506 -57.67 24.39 -46.65
CA ASP A 506 -57.60 24.32 -48.10
C ASP A 506 -57.00 22.96 -48.51
N PRO A 507 -57.84 21.90 -48.58
CA PRO A 507 -57.38 20.56 -48.98
C PRO A 507 -56.78 20.54 -50.38
N ASN A 508 -55.52 20.11 -50.46
CA ASN A 508 -54.69 20.28 -51.67
C ASN A 508 -54.01 18.99 -52.15
N GLU A 509 -53.44 19.09 -53.35
CA GLU A 509 -52.48 18.12 -53.85
C GLU A 509 -51.20 18.31 -53.06
N GLU A 510 -50.95 19.56 -52.67
CA GLU A 510 -49.72 19.98 -52.02
C GLU A 510 -49.83 20.16 -50.52
N THR A 511 -50.80 19.51 -49.88
CA THR A 511 -50.92 19.54 -48.42
C THR A 511 -49.64 19.05 -47.79
N TRP A 512 -49.31 17.80 -48.06
CA TRP A 512 -48.16 17.15 -47.46
C TRP A 512 -46.85 17.72 -47.99
N ASP A 513 -46.91 18.36 -49.15
CA ASP A 513 -45.77 19.10 -49.71
C ASP A 513 -45.35 20.27 -48.81
N ASN A 514 -46.34 20.92 -48.20
CA ASN A 514 -46.11 22.03 -47.26
C ASN A 514 -46.31 21.60 -45.81
N VAL A 515 -46.03 20.33 -45.51
CA VAL A 515 -46.24 19.76 -44.17
C VAL A 515 -45.03 18.95 -43.69
N LEU A 516 -44.53 18.09 -44.57
CA LEU A 516 -43.31 17.37 -44.28
C LEU A 516 -42.11 18.24 -44.61
N GLN A 517 -42.29 19.18 -45.54
CA GLN A 517 -41.25 20.17 -45.82
C GLN A 517 -41.08 21.15 -44.66
N GLN A 518 -41.70 20.83 -43.54
CA GLN A 518 -41.43 21.46 -42.27
C GLN A 518 -41.28 20.37 -41.19
N PHE A 519 -42.14 19.34 -41.22
CA PHE A 519 -41.93 18.15 -40.39
C PHE A 519 -40.49 17.61 -40.54
N LYS A 520 -39.84 17.96 -41.65
CA LYS A 520 -38.43 17.65 -41.90
C LYS A 520 -37.56 18.90 -42.12
N GLY A 521 -38.18 20.07 -42.02
CA GLY A 521 -37.47 21.36 -42.06
C GLY A 521 -36.90 21.74 -40.70
N VAL A 522 -37.39 21.06 -39.66
CA VAL A 522 -36.96 21.23 -38.27
C VAL A 522 -36.59 19.93 -37.53
N TYR A 523 -36.88 18.80 -38.19
CA TYR A 523 -36.53 17.41 -37.75
C TYR A 523 -35.02 17.22 -37.72
N GLU A 524 -34.32 17.72 -38.74
CA GLU A 524 -32.86 17.80 -38.74
C GLU A 524 -31.89 18.66 -37.90
N LYS A 525 -32.38 19.83 -37.48
CA LYS A 525 -31.56 20.85 -36.82
C LYS A 525 -31.50 20.51 -35.34
N PHE A 526 -31.91 19.29 -34.98
CA PHE A 526 -31.69 18.78 -33.65
C PHE A 526 -30.25 18.71 -33.14
N GLY A 527 -29.38 18.06 -33.91
CA GLY A 527 -27.97 17.87 -33.54
C GLY A 527 -26.85 18.85 -33.88
N GLY A 528 -26.13 19.31 -32.86
CA GLY A 528 -25.05 20.30 -32.99
C GLY A 528 -25.31 21.55 -32.15
N ASP A 529 -26.54 21.65 -31.65
CA ASP A 529 -27.03 22.83 -30.92
C ASP A 529 -26.94 22.72 -29.39
N PHE A 530 -26.65 21.51 -28.92
CA PHE A 530 -26.69 21.12 -27.50
C PHE A 530 -25.92 22.10 -26.61
N GLY A 531 -24.64 22.31 -26.95
CA GLY A 531 -23.75 23.19 -26.18
C GLY A 531 -23.13 22.53 -24.94
N LEU A 532 -23.76 21.48 -24.47
CA LEU A 532 -23.31 20.82 -23.28
C LEU A 532 -21.90 20.45 -23.56
N GLY A 533 -21.59 19.20 -23.29
CA GLY A 533 -20.33 18.60 -23.66
C GLY A 533 -20.70 17.36 -24.41
N THR A 534 -19.96 17.05 -25.47
CA THR A 534 -20.37 15.88 -26.20
C THR A 534 -20.45 14.80 -25.19
N SER A 535 -20.98 13.70 -25.66
CA SER A 535 -20.86 12.42 -25.06
C SER A 535 -20.94 11.78 -26.40
N SER A 536 -20.03 12.24 -27.24
CA SER A 536 -20.27 12.17 -28.69
C SER A 536 -21.00 11.03 -29.36
N THR A 537 -20.87 9.81 -28.86
CA THR A 537 -21.58 8.67 -29.50
C THR A 537 -23.01 8.86 -28.96
N GLN A 538 -23.13 9.00 -27.64
CA GLN A 538 -24.36 9.45 -26.98
C GLN A 538 -25.04 10.82 -27.22
N ASN A 539 -24.22 11.85 -27.40
CA ASN A 539 -24.64 13.05 -28.10
C ASN A 539 -25.35 12.66 -29.41
N GLN A 540 -24.82 11.63 -30.07
CA GLN A 540 -25.40 11.09 -31.29
C GLN A 540 -26.66 10.32 -30.94
N GLN A 541 -26.63 9.56 -29.86
CA GLN A 541 -27.81 8.78 -29.43
C GLN A 541 -28.90 9.60 -28.75
N ALA A 542 -28.68 10.91 -28.61
CA ALA A 542 -29.73 11.85 -28.17
C ALA A 542 -30.85 11.96 -29.21
N ILE A 543 -30.48 11.62 -30.44
CA ILE A 543 -31.32 11.78 -31.61
C ILE A 543 -32.22 10.57 -31.84
N GLU A 544 -31.68 9.37 -31.69
CA GLU A 544 -32.43 8.15 -31.97
C GLU A 544 -33.45 7.79 -30.88
N LYS A 545 -33.51 8.60 -29.83
CA LYS A 545 -34.67 8.66 -28.97
C LYS A 545 -35.63 9.67 -29.61
N PHE A 546 -35.09 10.85 -29.89
CA PHE A 546 -35.84 11.97 -30.47
C PHE A 546 -36.64 11.58 -31.71
N LYS A 547 -35.97 10.96 -32.67
CA LYS A 547 -36.60 10.62 -33.92
C LYS A 547 -37.59 9.47 -33.77
N PHE A 548 -37.33 8.57 -32.82
CA PHE A 548 -38.29 7.52 -32.47
C PHE A 548 -39.51 8.11 -31.78
N LYS A 549 -39.27 9.14 -30.98
CA LYS A 549 -40.35 9.81 -30.27
C LYS A 549 -41.26 10.60 -31.23
N SER A 550 -40.67 11.30 -32.19
CA SER A 550 -41.44 12.00 -33.23
C SER A 550 -42.27 11.02 -34.05
N TRP A 551 -41.61 9.96 -34.54
CA TRP A 551 -42.29 8.82 -35.21
C TRP A 551 -43.34 8.07 -34.35
N CYS A 552 -43.51 8.53 -33.11
CA CYS A 552 -44.54 8.04 -32.17
C CYS A 552 -45.57 9.06 -31.66
N GLN A 553 -45.27 10.34 -31.82
CA GLN A 553 -46.22 11.42 -31.57
C GLN A 553 -47.01 11.72 -32.86
N PHE A 554 -46.32 11.56 -33.99
CA PHE A 554 -46.89 11.63 -35.32
C PHE A 554 -48.12 10.75 -35.39
N TYR A 555 -47.95 9.45 -35.12
CA TYR A 555 -49.07 8.50 -35.04
C TYR A 555 -50.10 8.88 -33.96
N ASP A 556 -49.64 9.46 -32.84
CA ASP A 556 -50.53 9.82 -31.72
C ASP A 556 -51.39 11.08 -31.95
N VAL A 557 -50.84 12.09 -32.60
CA VAL A 557 -51.64 13.19 -33.19
C VAL A 557 -52.74 12.67 -34.16
N THR A 558 -52.37 11.79 -35.10
CA THR A 558 -53.31 11.19 -36.04
C THR A 558 -54.43 10.50 -35.27
N HIS A 559 -54.09 9.45 -34.53
CA HIS A 559 -55.07 8.64 -33.77
C HIS A 559 -55.83 9.42 -32.69
N LYS A 560 -55.43 10.66 -32.43
CA LYS A 560 -56.20 11.57 -31.56
C LYS A 560 -56.87 12.69 -32.34
N LEU A 561 -56.12 13.37 -33.21
CA LEU A 561 -56.67 14.46 -34.04
C LEU A 561 -57.79 14.04 -35.02
N ILE A 562 -57.78 12.77 -35.41
CA ILE A 562 -58.70 12.24 -36.39
C ILE A 562 -59.09 10.84 -35.92
N SER A 563 -60.25 10.74 -35.28
CA SER A 563 -60.78 9.44 -34.85
C SER A 563 -62.29 9.46 -34.99
N ARG A 564 -62.93 8.33 -34.68
CA ARG A 564 -64.39 8.17 -34.85
C ARG A 564 -65.14 9.47 -34.53
N GLU A 565 -64.84 10.05 -33.36
CA GLU A 565 -65.55 11.24 -32.89
C GLU A 565 -65.23 12.50 -33.71
N LYS A 566 -63.96 12.88 -33.79
CA LYS A 566 -63.56 14.08 -34.55
C LYS A 566 -63.92 13.91 -36.02
N LEU A 567 -64.06 12.64 -36.43
CA LEU A 567 -64.45 12.26 -37.78
C LEU A 567 -65.90 12.62 -38.12
N LEU A 568 -66.85 11.99 -37.42
CA LEU A 568 -68.27 12.33 -37.55
C LEU A 568 -68.45 13.85 -37.74
N ALA A 569 -67.64 14.61 -37.00
CA ALA A 569 -67.66 16.06 -37.01
C ALA A 569 -67.12 16.65 -38.31
N LEU A 570 -66.10 16.00 -38.86
CA LEU A 570 -65.31 16.54 -39.97
C LEU A 570 -66.16 17.04 -41.15
N LEU A 571 -67.34 16.46 -41.32
CA LEU A 571 -68.29 16.79 -42.40
C LEU A 571 -68.73 18.27 -42.45
N GLN A 572 -69.31 18.70 -41.34
CA GLN A 572 -69.96 20.00 -41.23
C GLN A 572 -68.94 21.13 -41.34
N ASP A 573 -67.72 20.85 -40.87
CA ASP A 573 -66.58 21.77 -40.99
C ASP A 573 -66.47 22.35 -42.41
N ARG A 574 -66.51 21.46 -43.40
CA ARG A 574 -66.55 21.82 -44.82
C ARG A 574 -67.98 22.02 -45.31
N PHE A 575 -68.83 21.10 -44.90
CA PHE A 575 -70.19 21.00 -45.40
C PHE A 575 -70.97 22.31 -45.36
N ASP A 576 -70.63 23.14 -44.36
CA ASP A 576 -71.46 24.30 -44.00
C ASP A 576 -70.94 25.64 -44.49
N ASP A 577 -69.75 25.67 -45.09
CA ASP A 577 -69.20 26.88 -45.69
C ASP A 577 -69.75 27.16 -47.12
N LYS A 578 -70.67 26.31 -47.59
CA LYS A 578 -71.44 26.54 -48.84
C LYS A 578 -72.92 26.16 -48.72
N PHE A 579 -73.19 24.95 -48.22
CA PHE A 579 -74.58 24.45 -48.01
C PHE A 579 -75.50 25.48 -47.35
N ARG A 580 -74.84 26.51 -46.81
CA ARG A 580 -75.49 27.65 -46.21
C ARG A 580 -74.89 29.07 -46.17
N TYR A 581 -73.79 29.26 -46.88
CA TYR A 581 -73.29 30.60 -47.08
C TYR A 581 -73.03 30.82 -48.54
N ASP A 582 -72.86 32.07 -48.91
CA ASP A 582 -72.89 32.38 -50.31
C ASP A 582 -71.91 33.44 -50.81
N GLU A 583 -71.22 33.10 -51.89
CA GLU A 583 -70.47 34.00 -52.77
C GLU A 583 -69.25 34.68 -52.15
N ASN A 584 -69.52 35.69 -51.34
CA ASN A 584 -68.51 36.50 -50.67
C ASN A 584 -68.63 36.44 -49.14
N GLY A 585 -68.79 35.22 -48.62
CA GLY A 585 -69.02 34.98 -47.19
C GLY A 585 -70.45 35.24 -46.78
N LEU A 586 -71.34 35.21 -47.78
CA LEU A 586 -72.77 35.52 -47.60
C LEU A 586 -73.57 34.23 -47.36
N PRO A 587 -74.52 34.23 -46.40
CA PRO A 587 -75.46 33.12 -46.22
C PRO A 587 -76.35 32.92 -47.46
N LYS A 588 -76.30 31.72 -48.04
CA LYS A 588 -76.81 31.48 -49.41
C LYS A 588 -78.29 31.77 -49.63
N LEU A 589 -78.57 32.85 -50.35
CA LEU A 589 -79.92 33.25 -50.73
C LEU A 589 -80.41 32.30 -51.82
N TYR A 590 -81.53 31.64 -51.57
CA TYR A 590 -82.06 30.64 -52.49
C TYR A 590 -83.03 31.27 -53.48
N LEU A 591 -83.12 30.66 -54.66
CA LEU A 591 -84.09 31.04 -55.69
C LEU A 591 -85.32 30.16 -56.01
N ASN A 592 -85.14 29.16 -56.88
CA ASN A 592 -86.18 28.17 -57.19
C ASN A 592 -85.73 27.00 -56.30
N GLU A 593 -86.56 25.95 -56.24
CA GLU A 593 -86.10 24.64 -55.76
C GLU A 593 -84.98 24.10 -56.63
N GLN A 594 -84.63 24.88 -57.64
CA GLN A 594 -83.54 24.63 -58.56
C GLN A 594 -82.20 25.19 -58.08
N ASP A 595 -82.22 26.33 -57.39
CA ASP A 595 -81.04 26.83 -56.66
C ASP A 595 -80.97 26.26 -55.24
N LEU A 596 -81.99 25.48 -54.87
CA LEU A 596 -82.02 24.74 -53.60
C LEU A 596 -81.66 23.25 -53.81
N GLU A 597 -82.10 22.68 -54.93
CA GLU A 597 -81.78 21.30 -55.28
C GLU A 597 -80.58 21.22 -56.25
N LYS A 598 -79.77 22.28 -56.29
CA LYS A 598 -78.50 22.27 -57.04
C LYS A 598 -77.26 22.36 -56.16
N THR A 599 -77.31 23.15 -55.09
CA THR A 599 -76.19 23.22 -54.12
C THR A 599 -76.32 22.22 -52.94
N PHE A 600 -76.81 21.02 -53.26
CA PHE A 600 -76.91 19.89 -52.32
C PHE A 600 -75.99 18.73 -52.77
N ALA A 601 -75.91 18.49 -54.07
CA ALA A 601 -74.99 17.50 -54.65
C ALA A 601 -73.57 18.03 -54.70
N VAL A 602 -73.43 19.35 -54.63
CA VAL A 602 -72.14 20.00 -54.39
C VAL A 602 -71.56 19.48 -53.08
N ALA A 603 -72.41 19.28 -52.09
CA ALA A 603 -72.02 18.76 -50.77
C ALA A 603 -71.83 17.23 -50.69
N LYS A 604 -72.57 16.48 -51.50
CA LYS A 604 -72.45 15.00 -51.54
C LYS A 604 -71.04 14.54 -51.95
N GLN A 605 -70.33 15.47 -52.59
CA GLN A 605 -68.89 15.36 -52.83
C GLN A 605 -68.09 16.34 -51.97
N HIS A 606 -68.63 17.53 -51.69
CA HIS A 606 -67.96 18.50 -50.81
C HIS A 606 -67.95 17.98 -49.37
N ALA A 607 -68.54 16.81 -49.16
CA ALA A 607 -68.38 16.02 -47.94
C ALA A 607 -67.28 14.94 -48.04
N LEU A 608 -67.05 14.48 -49.27
CA LEU A 608 -65.98 13.53 -49.63
C LEU A 608 -64.66 13.87 -50.35
N GLN A 609 -64.53 15.12 -50.81
CA GLN A 609 -63.31 15.59 -51.54
C GLN A 609 -61.92 15.87 -50.94
N VAL A 610 -61.80 15.82 -49.61
CA VAL A 610 -60.47 15.83 -48.96
C VAL A 610 -60.03 14.40 -48.58
N LEU A 611 -60.96 13.52 -48.22
CA LEU A 611 -60.65 12.14 -47.80
C LEU A 611 -59.63 11.40 -48.67
N PRO A 612 -59.76 11.49 -50.02
CA PRO A 612 -58.70 10.93 -50.88
C PRO A 612 -57.31 11.46 -50.59
N ILE A 613 -57.23 12.69 -50.11
CA ILE A 613 -55.98 13.26 -49.62
C ILE A 613 -55.60 12.64 -48.25
N LEU A 614 -56.61 12.26 -47.45
CA LEU A 614 -56.40 11.79 -46.04
C LEU A 614 -57.28 10.60 -45.51
N THR A 615 -57.42 9.53 -46.28
CA THR A 615 -58.09 8.32 -45.78
C THR A 615 -57.11 7.50 -44.91
N PHE A 616 -55.86 7.40 -45.39
CA PHE A 616 -54.78 6.66 -44.72
C PHE A 616 -53.51 7.54 -44.56
N ALA A 617 -53.70 8.84 -44.82
CA ALA A 617 -52.69 9.90 -44.74
C ALA A 617 -51.49 9.64 -45.66
N LYS A 618 -51.38 10.44 -46.71
CA LYS A 618 -50.28 10.25 -47.65
C LYS A 618 -49.55 11.55 -48.07
N LEU A 619 -48.85 11.48 -49.20
CA LEU A 619 -47.83 12.46 -49.55
C LEU A 619 -48.15 13.37 -50.71
N ALA A 620 -48.09 12.82 -51.92
CA ALA A 620 -48.27 13.57 -53.16
C ALA A 620 -47.92 12.63 -54.32
N ASP A 621 -47.64 11.39 -53.97
CA ASP A 621 -47.19 10.35 -54.90
C ASP A 621 -47.96 9.01 -54.73
N GLY A 622 -49.05 9.01 -53.98
CA GLY A 622 -49.92 7.85 -53.83
C GLY A 622 -49.28 6.54 -53.37
N SER A 623 -48.39 6.64 -52.40
CA SER A 623 -47.71 5.49 -51.79
C SER A 623 -47.75 5.53 -50.25
N GLU A 624 -47.71 4.37 -49.62
CA GLU A 624 -47.98 4.23 -48.18
C GLU A 624 -46.87 4.79 -47.29
N ILE A 625 -47.26 5.49 -46.21
CA ILE A 625 -46.28 6.02 -45.24
C ILE A 625 -45.97 5.01 -44.15
N VAL A 626 -44.68 4.85 -43.88
CA VAL A 626 -44.19 3.89 -42.90
C VAL A 626 -43.45 4.60 -41.75
N PRO A 627 -43.39 3.94 -40.58
CA PRO A 627 -42.61 4.48 -39.47
C PRO A 627 -41.15 4.03 -39.54
N ASP A 628 -40.25 4.85 -39.03
CA ASP A 628 -38.84 4.52 -39.08
C ASP A 628 -38.51 3.27 -38.28
N TYR A 629 -39.35 2.92 -37.31
CA TYR A 629 -39.08 1.78 -36.44
C TYR A 629 -40.25 0.80 -36.32
N ASP A 630 -39.93 -0.46 -36.00
CA ASP A 630 -40.91 -1.46 -35.62
C ASP A 630 -41.29 -1.00 -34.21
N ILE A 631 -42.33 -0.18 -34.17
CA ILE A 631 -42.87 0.37 -32.94
C ILE A 631 -43.82 -0.15 -31.87
N PHE A 632 -45.03 -0.58 -32.25
CA PHE A 632 -46.06 -1.06 -31.30
C PHE A 632 -45.52 -2.22 -30.47
N ASP A 633 -44.44 -2.80 -30.97
CA ASP A 633 -43.69 -3.82 -30.25
C ASP A 633 -43.09 -3.19 -29.02
N SER A 634 -43.41 -3.76 -27.86
CA SER A 634 -42.92 -3.28 -26.55
C SER A 634 -41.49 -3.76 -26.22
N LYS A 635 -40.84 -4.39 -27.20
CA LYS A 635 -39.47 -4.85 -27.11
C LYS A 635 -38.47 -3.86 -27.73
N LEU A 636 -39.01 -2.84 -28.41
CA LEU A 636 -38.25 -1.65 -28.82
C LEU A 636 -38.69 -0.40 -28.04
N ARG A 637 -39.89 -0.49 -27.44
CA ARG A 637 -40.52 0.60 -26.69
C ARG A 637 -39.76 1.28 -25.57
N GLU A 638 -39.43 0.49 -24.55
CA GLU A 638 -38.94 1.01 -23.27
C GLU A 638 -37.40 1.06 -23.34
N GLN A 639 -36.89 1.12 -24.58
CA GLN A 639 -35.56 1.65 -24.87
C GLN A 639 -35.61 3.18 -24.94
N PHE A 640 -36.83 3.73 -25.01
CA PHE A 640 -37.03 5.19 -25.01
C PHE A 640 -38.24 5.72 -24.15
N LEU A 641 -38.98 4.81 -23.52
CA LEU A 641 -40.16 5.11 -22.70
C LEU A 641 -41.26 5.77 -23.53
N ASP A 648 -51.70 -3.93 -31.66
CA ASP A 648 -50.83 -4.86 -32.38
C ASP A 648 -51.54 -6.19 -32.68
N ASP A 649 -52.16 -6.28 -33.85
CA ASP A 649 -52.98 -7.45 -34.25
C ASP A 649 -52.49 -8.09 -35.56
N GLU A 650 -52.34 -9.41 -35.54
CA GLU A 650 -52.04 -10.26 -36.72
C GLU A 650 -50.82 -9.81 -37.55
N GLU A 651 -51.01 -8.74 -38.32
CA GLU A 651 -49.98 -8.21 -39.22
C GLU A 651 -49.16 -7.09 -38.56
N ASP A 652 -49.85 -6.20 -37.85
CA ASP A 652 -49.21 -5.14 -37.07
C ASP A 652 -50.12 -3.93 -36.84
N HIS A 653 -51.38 -4.19 -36.54
CA HIS A 653 -52.26 -3.08 -36.18
C HIS A 653 -51.64 -1.88 -36.88
N CYS A 654 -51.84 -1.88 -38.20
CA CYS A 654 -51.02 -1.11 -39.14
C CYS A 654 -50.68 0.29 -38.65
N PHE A 655 -49.47 0.74 -38.98
CA PHE A 655 -49.00 2.05 -38.59
C PHE A 655 -49.97 3.16 -39.04
N ALA A 656 -50.08 3.35 -40.35
CA ALA A 656 -50.88 4.45 -40.92
C ALA A 656 -52.40 4.20 -40.88
N GLU A 657 -52.81 3.10 -40.24
CA GLU A 657 -54.21 2.76 -40.03
C GLU A 657 -54.80 3.65 -38.94
N ILE A 658 -55.18 4.86 -39.34
CA ILE A 658 -55.82 5.84 -38.44
C ILE A 658 -57.16 5.33 -37.91
N ILE A 659 -57.87 4.63 -38.79
CA ILE A 659 -59.15 4.04 -38.45
C ILE A 659 -59.28 2.66 -39.10
N THR A 660 -59.83 1.71 -38.35
CA THR A 660 -59.96 0.33 -38.82
C THR A 660 -60.98 0.29 -39.94
N GLU A 661 -60.81 -0.64 -40.88
CA GLU A 661 -61.77 -0.79 -41.98
C GLU A 661 -63.28 -0.75 -41.72
N GLN A 662 -63.64 -1.07 -40.49
CA GLN A 662 -65.00 -1.00 -39.97
C GLN A 662 -65.57 0.28 -39.33
N GLU A 663 -64.73 0.93 -38.54
CA GLU A 663 -65.00 2.29 -38.06
C GLU A 663 -64.85 3.27 -39.23
N LYS A 664 -64.10 2.85 -40.25
CA LYS A 664 -63.83 3.63 -41.46
C LYS A 664 -65.12 4.13 -42.13
N LEU A 665 -66.04 3.21 -42.40
CA LEU A 665 -67.33 3.54 -43.05
C LEU A 665 -68.48 3.69 -42.03
N GLU A 666 -68.16 3.48 -40.76
CA GLU A 666 -69.04 3.85 -39.65
C GLU A 666 -69.15 5.39 -39.59
N VAL A 667 -68.45 6.06 -40.50
CA VAL A 667 -68.54 7.50 -40.74
C VAL A 667 -69.52 7.80 -41.89
N LEU A 668 -69.47 6.95 -42.92
CA LEU A 668 -70.40 6.99 -44.05
C LEU A 668 -71.60 6.03 -43.87
N ALA A 669 -71.79 5.57 -42.64
CA ALA A 669 -73.08 5.06 -42.16
C ALA A 669 -73.79 6.18 -41.38
N LYS A 670 -73.12 7.33 -41.30
CA LYS A 670 -73.63 8.52 -40.64
C LYS A 670 -73.24 9.80 -41.41
N PHE A 671 -72.75 9.63 -42.64
CA PHE A 671 -72.58 10.71 -43.61
C PHE A 671 -73.95 11.36 -43.80
N LYS A 672 -74.94 10.51 -44.12
CA LYS A 672 -76.29 10.96 -44.49
C LYS A 672 -77.21 11.17 -43.28
N LYS A 673 -77.10 10.29 -42.28
CA LYS A 673 -77.99 10.31 -41.12
C LYS A 673 -78.36 11.71 -40.67
N GLU A 674 -77.41 12.64 -40.82
CA GLU A 674 -77.58 14.02 -40.36
C GLU A 674 -77.48 15.09 -41.48
N VAL A 675 -76.75 14.79 -42.56
CA VAL A 675 -76.56 15.75 -43.66
C VAL A 675 -77.82 15.91 -44.53
N ASP A 676 -78.47 14.78 -44.86
CA ASP A 676 -79.78 14.79 -45.54
C ASP A 676 -80.93 15.11 -44.56
N ALA A 677 -80.62 15.09 -43.26
CA ALA A 677 -81.46 15.71 -42.21
C ALA A 677 -81.56 17.25 -42.33
N LYS A 678 -80.63 17.84 -43.09
CA LYS A 678 -80.60 19.26 -43.40
C LYS A 678 -81.02 19.77 -44.81
N TYR A 679 -81.03 18.88 -45.81
CA TYR A 679 -81.47 19.22 -47.18
C TYR A 679 -83.00 19.27 -47.31
N ILE A 680 -83.66 18.12 -47.14
CA ILE A 680 -85.14 18.05 -47.19
C ILE A 680 -85.74 18.39 -45.80
N GLU A 681 -84.94 18.24 -44.75
CA GLU A 681 -85.37 18.57 -43.39
C GLU A 681 -85.40 20.08 -43.17
N THR A 682 -84.62 20.82 -43.94
CA THR A 682 -84.80 22.29 -44.02
C THR A 682 -85.31 22.74 -45.41
N LYS A 683 -86.17 21.91 -46.00
CA LYS A 683 -87.02 22.28 -47.15
C LYS A 683 -88.28 23.00 -46.64
N ARG A 684 -88.36 23.17 -45.32
CA ARG A 684 -89.50 23.79 -44.67
C ARG A 684 -89.66 25.28 -45.02
N SER A 685 -88.52 25.92 -45.28
CA SER A 685 -88.50 27.37 -45.46
C SER A 685 -89.14 27.93 -46.72
N ILE A 686 -88.69 27.46 -47.88
CA ILE A 686 -89.19 27.97 -49.15
C ILE A 686 -90.70 27.83 -49.18
N VAL A 687 -91.23 27.10 -48.21
CA VAL A 687 -92.65 26.80 -48.11
C VAL A 687 -93.61 27.97 -48.33
MG MG B . 48.49 -10.48 25.27
PG GNP C . 46.46 -8.29 26.71
O1G GNP C . 47.22 -8.96 25.73
O2G GNP C . 44.98 -8.39 26.53
O3G GNP C . 46.94 -6.83 26.60
N3B GNP C . 46.53 -9.01 28.19
PB GNP C . 47.56 -10.30 28.54
O1B GNP C . 48.39 -10.49 27.20
O2B GNP C . 46.56 -11.26 29.08
O3A GNP C . 48.65 -9.91 29.63
PA GNP C . 50.25 -10.08 29.46
O1A GNP C . 50.71 -11.35 30.01
O2A GNP C . 50.75 -9.44 28.21
O5' GNP C . 50.78 -9.11 30.59
C5' GNP C . 50.11 -9.12 31.89
C4' GNP C . 50.98 -8.55 33.02
O4' GNP C . 50.74 -9.31 34.19
C3' GNP C . 52.42 -8.81 32.75
O3' GNP C . 53.10 -7.62 33.10
C2' GNP C . 52.83 -10.03 33.55
O2' GNP C . 54.12 -9.75 34.07
C1' GNP C . 51.85 -10.06 34.66
N9 GNP C . 51.38 -11.37 34.98
C8 GNP C . 51.35 -12.39 34.18
N7 GNP C . 50.81 -13.45 34.80
C5 GNP C . 50.48 -13.10 36.00
C6 GNP C . 49.88 -13.78 37.11
O6 GNP C . 49.55 -14.98 37.04
N1 GNP C . 49.70 -13.07 38.20
C2 GNP C . 50.06 -11.77 38.28
N2 GNP C . 49.88 -11.10 39.46
N3 GNP C . 50.66 -11.08 37.27
C4 GNP C . 50.85 -11.70 36.13
#